data_2BYB
#
_entry.id   2BYB
#
_cell.length_a   132.835
_cell.length_b   225.840
_cell.length_c   85.680
_cell.angle_alpha   90.00
_cell.angle_beta   90.00
_cell.angle_gamma   90.00
#
_symmetry.space_group_name_H-M   'C 2 2 21'
#
loop_
_entity.id
_entity.type
_entity.pdbx_description
1 polymer 'AMINE OXIDASE [FLAVIN-CONTAINING] B'
2 non-polymer 'FLAVIN-ADENINE DINUCLEOTIDE'
3 non-polymer DEPRENYL
4 water water
#
_entity_poly.entity_id   1
_entity_poly.type   'polypeptide(L)'
_entity_poly.pdbx_seq_one_letter_code
;MSNKCDVVVVGGGISGMAAAKLLHDSGLNVVVLEARDRVGGRTYTLRNQKVKYVDLGGSYVGPTQNRILRLAKELGLETY
KVNEVERLIHHVKGKSYPFRGPFPPVWNPITYLDHNNFWRTMDDMGREIPSDAPWKAPLAEEWDNMTMKELLDKLCWTES
AKQLATLFVNLCVTAETHEVSALWFLWYVKQCGGTTRIISTTNGGQERKFVGGSGQVSERIMDLLGDRVKLERPVIYIDQ
TRENVLVETLNHEMYEAKYVISAIPPTLGMKIHFNPPLPMMRNQMITRVPLGSVIKCIVYYKEPFWRKKDYCGTMIIDGE
EAPVAYTLDDTKPEGNYAAIMGFILAHKARKLARLTKEERLKKLCELYAKVLGSLEALEPVHYEEKNWCEEQYSGGCYTT
YFPPGILTQYGRVLRQPVDRIYFAGTETATHWSGYMEGAVEAGERAAREILHAMGKIPEDEIWQSEPESVDVPAQPITTT
FLERHLPSVPGLLRLIGLTTIFSATALGFLAHKRGLLVRV
;
_entity_poly.pdbx_strand_id   A,B
#
loop_
_chem_comp.id
_chem_comp.type
_chem_comp.name
_chem_comp.formula
DPK non-polymer DEPRENYL 'C13 H19 N'
FAD non-polymer 'FLAVIN-ADENINE DINUCLEOTIDE' 'C27 H33 N9 O15 P2'
#
# COMPACT_ATOMS: atom_id res chain seq x y z
N ASN A 3 15.15 9.13 30.66
CA ASN A 3 13.79 8.74 31.18
C ASN A 3 12.78 9.89 30.93
N LYS A 4 12.52 10.73 31.93
CA LYS A 4 11.34 11.62 31.97
C LYS A 4 11.49 13.02 31.36
N CYS A 5 10.43 13.46 30.65
CA CYS A 5 10.35 14.78 30.01
C CYS A 5 8.90 15.23 29.74
N ASP A 6 8.73 16.38 29.10
CA ASP A 6 7.40 16.84 28.69
C ASP A 6 6.91 16.16 27.37
N VAL A 7 7.72 16.22 26.31
CA VAL A 7 7.36 15.64 25.00
C VAL A 7 8.47 14.82 24.36
N VAL A 8 8.14 13.59 23.96
CA VAL A 8 9.05 12.81 23.12
C VAL A 8 8.69 13.00 21.63
N VAL A 9 9.67 13.38 20.84
CA VAL A 9 9.47 13.45 19.39
C VAL A 9 10.08 12.22 18.76
N VAL A 10 9.28 11.45 18.03
CA VAL A 10 9.85 10.35 17.28
C VAL A 10 10.24 10.86 15.89
N GLY A 11 11.55 10.97 15.65
CA GLY A 11 12.08 11.28 14.31
C GLY A 11 12.83 12.59 14.26
N GLY A 12 14.07 12.55 13.75
CA GLY A 12 14.96 13.72 13.63
C GLY A 12 15.20 14.19 12.22
N GLY A 13 14.14 14.22 11.43
CA GLY A 13 14.16 14.82 10.11
C GLY A 13 13.72 16.26 10.28
N ILE A 14 13.66 17.03 9.18
CA ILE A 14 13.17 18.42 9.32
C ILE A 14 11.89 18.59 10.17
N SER A 15 10.91 17.71 9.99
CA SER A 15 9.66 17.89 10.75
C SER A 15 9.82 17.76 12.25
N GLY A 16 10.39 16.65 12.70
CA GLY A 16 10.64 16.45 14.12
C GLY A 16 11.53 17.51 14.75
N MET A 17 12.58 17.93 14.05
CA MET A 17 13.49 18.95 14.57
C MET A 17 12.81 20.31 14.71
N ALA A 18 11.94 20.67 13.78
CA ALA A 18 11.20 21.93 13.83
C ALA A 18 10.20 21.94 15.01
N ALA A 19 9.61 20.78 15.27
CA ALA A 19 8.63 20.61 16.37
C ALA A 19 9.35 20.72 17.69
N ALA A 20 10.41 19.95 17.87
CA ALA A 20 11.24 20.02 19.08
C ALA A 20 11.70 21.44 19.38
N LYS A 21 12.24 22.10 18.37
CA LYS A 21 12.71 23.48 18.50
C LYS A 21 11.63 24.42 18.98
N LEU A 22 10.45 24.35 18.39
CA LEU A 22 9.30 25.14 18.84
C LEU A 22 8.97 24.87 20.32
N LEU A 23 8.71 23.60 20.66
CA LEU A 23 8.44 23.23 22.06
C LEU A 23 9.55 23.61 23.02
N HIS A 24 10.81 23.46 22.59
CA HIS A 24 12.01 23.86 23.34
C HIS A 24 11.93 25.34 23.51
N ASP A 25 11.73 26.06 22.39
CA ASP A 25 11.63 27.52 22.38
C ASP A 25 10.55 28.02 23.32
N SER A 26 9.56 27.19 23.61
CA SER A 26 8.45 27.51 24.51
C SER A 26 8.69 27.14 25.99
N GLY A 27 9.90 26.66 26.30
CA GLY A 27 10.32 26.29 27.65
C GLY A 27 9.94 24.91 28.14
N LEU A 28 9.52 24.02 27.23
CA LEU A 28 9.27 22.63 27.58
C LEU A 28 10.50 21.75 27.35
N ASN A 29 10.52 20.62 28.06
CA ASN A 29 11.61 19.65 28.00
C ASN A 29 11.27 18.63 26.95
N VAL A 30 12.02 18.66 25.85
CA VAL A 30 11.82 17.74 24.75
C VAL A 30 12.98 16.75 24.70
N VAL A 31 12.70 15.61 24.08
CA VAL A 31 13.71 14.63 23.67
C VAL A 31 13.33 14.25 22.26
N VAL A 32 14.32 14.23 21.37
CA VAL A 32 14.17 13.70 20.03
C VAL A 32 14.85 12.35 19.98
N LEU A 33 14.12 11.35 19.52
CA LEU A 33 14.66 10.00 19.34
C LEU A 33 14.79 9.71 17.86
N GLU A 34 16.04 9.68 17.40
CA GLU A 34 16.36 9.45 16.00
C GLU A 34 16.94 8.04 15.87
N ALA A 35 16.32 7.25 14.98
CA ALA A 35 16.76 5.89 14.61
C ALA A 35 18.15 5.76 14.00
N ARG A 36 18.56 6.76 13.19
CA ARG A 36 19.90 6.74 12.53
C ARG A 36 21.05 7.38 13.33
N ASP A 37 22.26 7.30 12.78
CA ASP A 37 23.45 7.91 13.40
C ASP A 37 23.63 9.37 12.93
N ARG A 38 22.57 9.93 12.35
CA ARG A 38 22.53 11.32 11.90
C ARG A 38 21.09 11.84 11.99
N VAL A 39 20.91 13.15 12.02
CA VAL A 39 19.61 13.74 11.76
C VAL A 39 19.46 14.11 10.25
N GLY A 40 18.25 14.51 9.85
CA GLY A 40 18.03 14.99 8.49
C GLY A 40 16.99 14.18 7.74
N GLY A 41 16.86 12.90 8.09
CA GLY A 41 16.03 11.93 7.35
C GLY A 41 16.21 12.01 5.83
N ARG A 42 15.19 12.52 5.13
CA ARG A 42 15.21 12.54 3.65
C ARG A 42 16.07 13.65 3.01
N THR A 43 16.74 14.46 3.84
CA THR A 43 17.75 15.40 3.36
C THR A 43 19.07 14.88 3.86
N TYR A 44 20.10 15.02 3.03
CA TYR A 44 21.38 14.46 3.38
C TYR A 44 22.39 15.14 2.51
N THR A 45 23.30 15.85 3.17
CA THR A 45 24.43 16.49 2.51
C THR A 45 25.67 15.68 2.83
N LEU A 46 26.28 15.16 1.77
CA LEU A 46 27.53 14.49 1.87
C LEU A 46 28.60 15.56 1.64
N ARG A 47 29.59 15.59 2.52
CA ARG A 47 30.79 16.40 2.31
C ARG A 47 32.06 15.60 2.01
N ASN A 48 32.85 16.09 1.04
CA ASN A 48 34.14 15.50 0.66
C ASN A 48 34.91 16.43 -0.26
N GLN A 49 36.21 16.19 -0.39
CA GLN A 49 37.12 17.08 -1.13
C GLN A 49 36.68 17.24 -2.59
N LYS A 50 36.17 16.16 -3.18
CA LYS A 50 35.79 16.16 -4.61
C LYS A 50 34.52 16.98 -4.98
N VAL A 51 33.57 17.06 -4.04
CA VAL A 51 32.31 17.79 -4.23
C VAL A 51 32.14 19.06 -3.37
N LYS A 52 33.02 19.25 -2.38
CA LYS A 52 32.88 20.19 -1.24
C LYS A 52 31.64 19.84 -0.37
N TYR A 53 30.44 20.05 -0.91
CA TYR A 53 29.19 19.54 -0.31
C TYR A 53 28.25 19.17 -1.48
N VAL A 54 27.29 18.27 -1.22
CA VAL A 54 26.24 17.95 -2.21
C VAL A 54 25.01 17.28 -1.53
N ASP A 55 23.81 17.74 -1.88
CA ASP A 55 22.56 17.16 -1.32
C ASP A 55 22.24 15.91 -2.11
N LEU A 56 22.08 14.80 -1.38
CA LEU A 56 21.68 13.51 -2.02
C LEU A 56 20.19 13.13 -1.83
N GLY A 57 19.47 13.96 -1.08
CA GLY A 57 18.01 13.91 -0.96
C GLY A 57 17.38 15.28 -1.14
N GLY A 58 16.45 15.65 -0.26
CA GLY A 58 15.79 16.96 -0.33
C GLY A 58 16.79 18.08 -0.50
N SER A 59 16.52 19.00 -1.42
CA SER A 59 17.47 20.04 -1.86
C SER A 59 16.89 21.43 -2.18
N TYR A 60 15.94 21.48 -3.13
CA TYR A 60 15.47 22.72 -3.78
C TYR A 60 14.46 23.46 -2.90
N VAL A 61 14.52 24.80 -2.92
CA VAL A 61 13.53 25.63 -2.27
C VAL A 61 13.11 26.69 -3.28
N GLY A 62 11.93 27.27 -3.11
CA GLY A 62 11.46 28.29 -4.04
C GLY A 62 10.37 29.21 -3.48
N PRO A 63 9.96 30.23 -4.25
CA PRO A 63 8.94 31.13 -3.75
C PRO A 63 7.72 30.40 -3.22
N THR A 64 6.99 31.04 -2.33
CA THR A 64 5.88 30.44 -1.51
C THR A 64 6.25 29.39 -0.47
N GLN A 65 7.52 29.03 -0.39
CA GLN A 65 7.96 28.06 0.63
C GLN A 65 8.51 28.83 1.83
N ASN A 66 7.62 29.55 2.53
CA ASN A 66 8.03 30.63 3.44
C ASN A 66 8.43 30.17 4.82
N ARG A 67 8.08 28.95 5.15
CA ARG A 67 8.38 28.41 6.47
C ARG A 67 9.80 27.85 6.51
N ILE A 68 10.13 26.96 5.58
CA ILE A 68 11.52 26.47 5.51
C ILE A 68 12.50 27.69 5.38
N LEU A 69 12.07 28.72 4.68
CA LEU A 69 12.98 29.83 4.41
C LEU A 69 13.19 30.65 5.67
N ARG A 70 12.11 30.89 6.43
CA ARG A 70 12.19 31.55 7.72
C ARG A 70 13.06 30.73 8.71
N LEU A 71 12.87 29.41 8.73
CA LEU A 71 13.64 28.54 9.64
C LEU A 71 15.13 28.54 9.28
N ALA A 72 15.45 28.26 8.01
CA ALA A 72 16.85 28.27 7.58
C ALA A 72 17.54 29.61 7.85
N LYS A 73 16.85 30.71 7.58
CA LYS A 73 17.45 32.05 7.74
C LYS A 73 17.75 32.31 9.22
N GLU A 74 16.84 31.89 10.09
CA GLU A 74 17.05 31.96 11.52
C GLU A 74 18.25 31.13 12.00
N LEU A 75 18.56 30.06 11.28
CA LEU A 75 19.72 29.23 11.58
C LEU A 75 20.99 29.69 10.84
N GLY A 76 20.89 30.79 10.09
CA GLY A 76 22.09 31.43 9.51
C GLY A 76 22.45 30.99 8.09
N LEU A 77 21.51 30.35 7.42
CA LEU A 77 21.73 29.74 6.12
C LEU A 77 21.36 30.67 5.00
N GLU A 78 21.94 30.44 3.83
CA GLU A 78 21.69 31.29 2.69
C GLU A 78 21.27 30.46 1.52
N THR A 79 20.53 31.07 0.59
CA THR A 79 20.20 30.43 -0.66
C THR A 79 20.97 31.04 -1.81
N TYR A 80 21.10 30.26 -2.87
CA TYR A 80 21.57 30.79 -4.15
C TYR A 80 20.60 30.23 -5.18
N LYS A 81 20.53 30.86 -6.36
CA LYS A 81 19.62 30.50 -7.42
C LYS A 81 20.20 29.44 -8.34
N VAL A 82 19.39 28.41 -8.64
CA VAL A 82 19.69 27.31 -9.61
C VAL A 82 19.84 27.91 -11.03
N ASN A 83 20.91 27.57 -11.73
CA ASN A 83 21.20 28.22 -13.03
C ASN A 83 20.11 28.01 -14.07
N GLU A 84 19.65 29.10 -14.66
CA GLU A 84 18.62 28.99 -15.68
C GLU A 84 18.69 30.17 -16.60
N VAL A 85 19.91 30.59 -16.85
CA VAL A 85 20.21 31.73 -17.61
C VAL A 85 20.14 31.36 -19.10
N GLU A 86 20.58 30.16 -19.42
CA GLU A 86 20.76 29.87 -20.86
C GLU A 86 19.56 28.98 -21.22
N ARG A 87 19.55 28.40 -22.43
CA ARG A 87 18.35 27.70 -22.90
C ARG A 87 18.12 26.34 -22.20
N LEU A 88 16.84 25.95 -22.08
CA LEU A 88 16.49 24.62 -21.61
C LEU A 88 16.42 23.73 -22.85
N ILE A 89 16.35 22.43 -22.64
CA ILE A 89 16.33 21.43 -23.72
C ILE A 89 15.17 20.45 -23.48
N HIS A 90 14.31 20.32 -24.49
CA HIS A 90 13.32 19.23 -24.46
C HIS A 90 13.82 18.23 -25.52
N HIS A 91 14.02 16.99 -25.09
CA HIS A 91 14.55 15.97 -25.99
C HIS A 91 13.41 15.05 -26.36
N VAL A 92 13.06 15.06 -27.64
CA VAL A 92 11.82 14.40 -28.15
C VAL A 92 12.18 13.53 -29.33
N LYS A 93 11.81 12.25 -29.22
CA LYS A 93 12.09 11.26 -30.26
C LYS A 93 13.52 11.32 -30.73
N GLY A 94 14.47 11.28 -29.79
CA GLY A 94 15.91 11.29 -30.11
C GLY A 94 16.56 12.56 -30.60
N LYS A 95 15.93 13.70 -30.33
CA LYS A 95 16.41 15.00 -30.81
C LYS A 95 16.10 16.07 -29.81
N SER A 96 17.01 17.02 -29.68
CA SER A 96 16.95 18.07 -28.69
C SER A 96 16.42 19.35 -29.29
N TYR A 97 15.45 19.94 -28.58
CA TYR A 97 14.85 21.20 -29.00
C TYR A 97 15.13 22.24 -27.94
N PRO A 98 16.10 23.15 -28.17
CA PRO A 98 16.29 24.14 -27.12
C PRO A 98 15.11 25.11 -27.04
N PHE A 99 14.79 25.57 -25.83
CA PHE A 99 13.76 26.59 -25.61
C PHE A 99 14.03 27.45 -24.38
N ARG A 100 13.16 28.45 -24.18
CA ARG A 100 13.23 29.36 -23.05
C ARG A 100 11.82 29.48 -22.50
N GLY A 101 11.69 29.58 -21.18
CA GLY A 101 10.39 29.71 -20.57
C GLY A 101 10.23 28.43 -19.80
N PRO A 102 9.25 28.38 -18.89
CA PRO A 102 9.02 27.15 -18.13
C PRO A 102 8.32 26.04 -18.90
N PHE A 103 7.82 26.36 -20.11
CA PHE A 103 7.09 25.39 -20.90
C PHE A 103 7.72 25.16 -22.27
N PRO A 104 7.92 23.87 -22.61
CA PRO A 104 8.37 23.48 -23.94
C PRO A 104 7.39 23.96 -25.04
N PRO A 105 7.92 24.62 -26.09
CA PRO A 105 7.03 25.04 -27.16
C PRO A 105 6.36 23.84 -27.85
N VAL A 106 5.13 24.06 -28.31
CA VAL A 106 4.45 23.13 -29.20
C VAL A 106 3.93 23.98 -30.34
N TRP A 107 4.22 23.55 -31.57
CA TRP A 107 3.83 24.29 -32.75
C TRP A 107 2.55 23.84 -33.43
N ASN A 108 2.35 22.52 -33.56
CA ASN A 108 1.19 21.96 -34.21
C ASN A 108 -0.10 22.33 -33.45
N PRO A 109 -1.03 23.06 -34.11
CA PRO A 109 -2.17 23.61 -33.33
C PRO A 109 -3.08 22.62 -32.64
N ILE A 110 -3.12 21.35 -33.09
CA ILE A 110 -3.94 20.32 -32.41
C ILE A 110 -3.25 19.94 -31.15
N THR A 111 -2.00 19.50 -31.29
CA THR A 111 -1.16 19.16 -30.13
C THR A 111 -1.17 20.35 -29.16
N TYR A 112 -1.10 21.56 -29.72
CA TYR A 112 -1.20 22.79 -28.90
C TYR A 112 -2.50 22.88 -28.05
N LEU A 113 -3.65 22.68 -28.67
CA LEU A 113 -4.93 22.69 -27.96
C LEU A 113 -5.03 21.59 -26.86
N ASP A 114 -4.50 20.40 -27.16
CA ASP A 114 -4.53 19.26 -26.24
C ASP A 114 -3.60 19.56 -25.06
N HIS A 115 -2.40 20.07 -25.35
CA HIS A 115 -1.46 20.45 -24.30
C HIS A 115 -2.02 21.55 -23.39
N ASN A 116 -2.50 22.66 -24.01
CA ASN A 116 -3.19 23.70 -23.22
C ASN A 116 -4.28 23.12 -22.31
N ASN A 117 -5.13 22.27 -22.87
CA ASN A 117 -6.26 21.78 -22.15
C ASN A 117 -5.88 20.90 -20.98
N PHE A 118 -4.79 20.14 -21.12
CA PHE A 118 -4.42 19.23 -20.08
C PHE A 118 -3.98 19.96 -18.82
N TRP A 119 -3.06 20.90 -19.01
CA TRP A 119 -2.52 21.63 -17.88
C TRP A 119 -3.62 22.46 -17.25
N ARG A 120 -4.33 23.17 -18.10
CA ARG A 120 -5.53 23.88 -17.70
C ARG A 120 -6.43 23.03 -16.82
N THR A 121 -6.69 21.80 -17.25
CA THR A 121 -7.68 20.94 -16.57
C THR A 121 -7.20 20.43 -15.23
N MET A 122 -5.91 20.08 -15.16
CA MET A 122 -5.26 19.74 -13.90
C MET A 122 -5.60 20.77 -12.85
N ASP A 123 -5.32 22.01 -13.22
CA ASP A 123 -5.58 23.16 -12.36
C ASP A 123 -7.10 23.40 -12.08
N ASP A 124 -7.95 23.28 -13.09
CA ASP A 124 -9.41 23.44 -12.90
C ASP A 124 -9.92 22.47 -11.86
N MET A 125 -9.49 21.22 -12.02
CA MET A 125 -9.91 20.14 -11.23
C MET A 125 -9.47 20.31 -9.79
N GLY A 126 -8.21 20.73 -9.61
CA GLY A 126 -7.64 21.02 -8.28
C GLY A 126 -8.30 22.13 -7.47
N ARG A 127 -8.82 23.15 -8.17
CA ARG A 127 -9.67 24.21 -7.52
C ARG A 127 -10.85 23.64 -6.75
N GLU A 128 -11.21 22.41 -7.08
CA GLU A 128 -12.37 21.84 -6.48
C GLU A 128 -11.98 21.04 -5.25
N ILE A 129 -10.68 21.03 -4.95
CA ILE A 129 -10.16 20.16 -3.93
C ILE A 129 -9.65 20.96 -2.76
N PRO A 130 -10.28 20.82 -1.58
CA PRO A 130 -9.75 21.54 -0.44
C PRO A 130 -8.36 21.05 -0.04
N SER A 131 -7.46 21.96 0.25
CA SER A 131 -6.08 21.57 0.64
C SER A 131 -6.08 20.75 1.92
N ASP A 132 -6.96 21.11 2.85
CA ASP A 132 -6.92 20.51 4.15
C ASP A 132 -7.83 19.27 4.26
N ALA A 133 -8.75 19.09 3.32
CA ALA A 133 -9.67 17.93 3.31
C ALA A 133 -10.07 17.51 1.88
N PRO A 134 -9.14 16.82 1.16
CA PRO A 134 -9.38 16.43 -0.25
C PRO A 134 -10.53 15.47 -0.43
N TRP A 135 -10.75 14.61 0.58
CA TRP A 135 -11.89 13.73 0.58
C TRP A 135 -13.20 14.51 0.54
N LYS A 136 -13.11 15.84 0.60
CA LYS A 136 -14.31 16.66 0.59
C LYS A 136 -14.71 17.24 -0.72
N ALA A 137 -13.92 16.97 -1.76
CA ALA A 137 -14.15 17.55 -3.08
C ALA A 137 -15.52 16.99 -3.54
N PRO A 138 -16.31 17.76 -4.37
CA PRO A 138 -17.62 17.23 -4.85
C PRO A 138 -17.52 15.85 -5.53
N LEU A 139 -16.49 15.65 -6.35
CA LEU A 139 -16.31 14.36 -6.98
C LEU A 139 -15.17 13.58 -6.35
N ALA A 140 -15.13 13.53 -5.00
CA ALA A 140 -14.01 12.89 -4.32
C ALA A 140 -13.87 11.40 -4.68
N GLU A 141 -14.96 10.66 -4.54
CA GLU A 141 -14.99 9.21 -4.76
C GLU A 141 -14.71 8.85 -6.21
N GLU A 142 -15.50 9.39 -7.14
CA GLU A 142 -15.21 9.27 -8.57
C GLU A 142 -13.72 9.48 -8.88
N TRP A 143 -13.13 10.52 -8.34
CA TRP A 143 -11.72 10.80 -8.72
C TRP A 143 -10.70 9.92 -8.04
N ASP A 144 -11.07 9.39 -6.88
CA ASP A 144 -10.20 8.53 -6.08
C ASP A 144 -10.28 7.06 -6.58
N ASN A 145 -11.40 6.68 -7.21
CA ASN A 145 -11.56 5.38 -7.86
C ASN A 145 -10.84 5.20 -9.21
N MET A 146 -10.14 6.25 -9.67
CA MET A 146 -9.38 6.24 -10.94
C MET A 146 -7.90 6.41 -10.60
N THR A 147 -7.02 5.88 -11.43
CA THR A 147 -5.61 6.15 -11.33
C THR A 147 -5.35 7.38 -12.20
N MET A 148 -4.17 7.97 -12.06
CA MET A 148 -3.76 9.04 -12.98
C MET A 148 -3.68 8.52 -14.43
N LYS A 149 -3.39 7.25 -14.58
CA LYS A 149 -3.34 6.66 -15.90
C LYS A 149 -4.69 6.72 -16.59
N GLU A 150 -5.79 6.28 -15.94
CA GLU A 150 -7.12 6.34 -16.58
C GLU A 150 -7.50 7.79 -16.92
N LEU A 151 -7.16 8.71 -16.02
CA LEU A 151 -7.40 10.13 -16.24
C LEU A 151 -6.60 10.70 -17.42
N LEU A 152 -5.33 10.36 -17.52
CA LEU A 152 -4.55 10.83 -18.65
C LEU A 152 -5.08 10.32 -19.99
N ASP A 153 -5.35 9.01 -20.08
CA ASP A 153 -6.05 8.38 -21.19
C ASP A 153 -7.35 9.04 -21.69
N LYS A 154 -8.14 9.51 -20.72
CA LYS A 154 -9.42 10.13 -20.97
C LYS A 154 -9.26 11.55 -21.53
N LEU A 155 -8.25 12.29 -21.06
CA LEU A 155 -8.09 13.73 -21.33
C LEU A 155 -7.17 14.06 -22.53
N CYS A 156 -6.13 13.27 -22.74
CA CYS A 156 -5.15 13.58 -23.75
C CYS A 156 -5.54 12.92 -25.06
N TRP A 157 -5.88 13.75 -26.04
CA TRP A 157 -6.28 13.27 -27.34
C TRP A 157 -5.02 13.18 -28.25
N THR A 158 -3.83 13.54 -27.72
CA THR A 158 -2.57 13.31 -28.44
C THR A 158 -1.55 12.52 -27.63
N GLU A 159 -0.79 11.65 -28.31
CA GLU A 159 0.31 10.90 -27.65
C GLU A 159 1.35 11.86 -27.06
N SER A 160 1.58 12.95 -27.76
CA SER A 160 2.53 13.94 -27.30
C SER A 160 2.18 14.51 -25.90
N ALA A 161 0.91 14.83 -25.67
CA ALA A 161 0.51 15.39 -24.38
C ALA A 161 0.47 14.27 -23.32
N LYS A 162 0.09 13.08 -23.74
CA LYS A 162 0.04 11.95 -22.81
C LYS A 162 1.47 11.57 -22.33
N GLN A 163 2.45 11.69 -23.23
CA GLN A 163 3.88 11.43 -22.94
C GLN A 163 4.44 12.42 -21.92
N LEU A 164 4.29 13.71 -22.21
CA LEU A 164 4.69 14.77 -21.32
C LEU A 164 3.98 14.77 -19.94
N ALA A 165 2.69 14.47 -19.94
CA ALA A 165 1.90 14.45 -18.71
C ALA A 165 2.34 13.28 -17.84
N THR A 166 2.68 12.16 -18.47
CA THR A 166 3.17 10.95 -17.80
C THR A 166 4.52 11.26 -17.11
N LEU A 167 5.44 11.90 -17.84
CA LEU A 167 6.73 12.36 -17.31
C LEU A 167 6.57 13.33 -16.11
N PHE A 168 5.66 14.29 -16.26
CA PHE A 168 5.28 15.19 -15.17
C PHE A 168 4.89 14.40 -13.91
N VAL A 169 3.99 13.46 -14.02
CA VAL A 169 3.61 12.67 -12.82
C VAL A 169 4.82 11.90 -12.25
N ASN A 170 5.53 11.18 -13.12
CA ASN A 170 6.74 10.45 -12.71
C ASN A 170 7.69 11.35 -11.91
N LEU A 171 8.02 12.53 -12.47
CA LEU A 171 8.94 13.50 -11.83
C LEU A 171 8.44 14.12 -10.51
N CYS A 172 7.13 14.27 -10.40
CA CYS A 172 6.48 14.94 -9.26
C CYS A 172 6.42 14.08 -8.00
N VAL A 173 6.02 12.81 -8.19
CA VAL A 173 5.70 11.93 -7.07
C VAL A 173 6.45 10.58 -7.19
N THR A 174 7.45 10.49 -8.09
CA THR A 174 8.32 9.28 -8.19
C THR A 174 7.56 7.93 -8.27
N ALA A 175 6.45 7.95 -9.01
CA ALA A 175 5.55 6.81 -9.11
C ALA A 175 4.95 6.76 -10.52
N GLU A 176 4.45 5.60 -10.91
CA GLU A 176 3.84 5.47 -12.20
C GLU A 176 2.42 6.04 -12.18
N THR A 177 1.91 6.44 -13.34
CA THR A 177 0.53 6.99 -13.41
C THR A 177 -0.50 5.97 -12.91
N HIS A 178 -0.24 4.70 -13.20
CA HIS A 178 -1.19 3.63 -12.83
C HIS A 178 -1.09 3.23 -11.37
N GLU A 179 -0.14 3.80 -10.61
CA GLU A 179 0.06 3.42 -9.21
C GLU A 179 -0.76 4.30 -8.28
N VAL A 180 -0.96 5.55 -8.69
CA VAL A 180 -1.45 6.63 -7.82
C VAL A 180 -2.91 7.03 -8.06
N SER A 181 -3.61 7.45 -6.97
CA SER A 181 -4.96 7.99 -7.10
C SER A 181 -4.96 9.29 -7.89
N ALA A 182 -6.00 9.51 -8.71
CA ALA A 182 -6.14 10.80 -9.45
C ALA A 182 -6.51 11.96 -8.50
N LEU A 183 -7.49 11.73 -7.61
CA LEU A 183 -7.80 12.62 -6.50
C LEU A 183 -6.55 13.06 -5.72
N TRP A 184 -5.78 12.10 -5.22
CA TRP A 184 -4.58 12.47 -4.45
C TRP A 184 -3.54 13.24 -5.34
N PHE A 185 -3.39 12.87 -6.60
CA PHE A 185 -2.35 13.52 -7.39
C PHE A 185 -2.74 14.92 -7.75
N LEU A 186 -4.05 15.13 -7.99
CA LEU A 186 -4.61 16.45 -8.17
C LEU A 186 -4.54 17.33 -6.91
N TRP A 187 -4.78 16.74 -5.74
CA TRP A 187 -4.58 17.46 -4.47
C TRP A 187 -3.09 17.83 -4.33
N TYR A 188 -2.22 16.84 -4.45
CA TYR A 188 -0.79 17.05 -4.37
C TYR A 188 -0.32 18.33 -5.12
N VAL A 189 -0.65 18.44 -6.43
CA VAL A 189 -0.21 19.56 -7.28
C VAL A 189 -0.86 20.85 -6.80
N LYS A 190 -2.12 20.74 -6.37
CA LYS A 190 -2.92 21.91 -6.02
C LYS A 190 -2.34 22.57 -4.79
N GLN A 191 -2.09 21.77 -3.76
CA GLN A 191 -1.47 22.25 -2.49
C GLN A 191 -0.01 22.71 -2.65
N CYS A 192 0.65 22.41 -3.75
CA CYS A 192 1.93 23.12 -4.08
C CYS A 192 1.73 24.45 -4.81
N GLY A 193 0.48 24.93 -4.87
CA GLY A 193 0.18 26.13 -5.63
C GLY A 193 -0.06 25.97 -7.14
N GLY A 194 -0.13 24.73 -7.65
CA GLY A 194 -0.49 24.47 -9.06
C GLY A 194 0.62 24.00 -10.02
N THR A 195 0.21 23.62 -11.24
CA THR A 195 1.16 23.05 -12.21
C THR A 195 2.39 23.90 -12.45
N THR A 196 2.22 25.22 -12.59
CA THR A 196 3.31 26.13 -12.96
C THR A 196 4.36 26.34 -11.84
N ARG A 197 3.85 26.53 -10.63
CA ARG A 197 4.65 26.70 -9.44
C ARG A 197 5.47 25.46 -9.19
N ILE A 198 4.87 24.30 -9.40
CA ILE A 198 5.53 23.06 -9.04
C ILE A 198 6.63 22.70 -10.03
N ILE A 199 6.40 22.96 -11.32
CA ILE A 199 7.34 22.56 -12.34
C ILE A 199 8.46 23.57 -12.53
N SER A 200 8.30 24.81 -12.00
CA SER A 200 9.22 25.89 -12.46
C SER A 200 10.49 25.99 -11.61
N THR A 201 11.57 26.49 -12.24
CA THR A 201 12.81 26.76 -11.57
C THR A 201 12.74 28.24 -11.17
N THR A 202 12.90 29.16 -12.12
CA THR A 202 12.49 30.58 -11.87
C THR A 202 11.00 30.71 -11.49
N ASN A 203 10.74 31.31 -10.32
CA ASN A 203 9.38 31.46 -9.76
C ASN A 203 8.69 30.18 -9.33
N GLY A 204 9.46 29.11 -9.21
CA GLY A 204 8.89 27.83 -8.86
C GLY A 204 9.66 27.16 -7.76
N GLY A 205 9.37 25.87 -7.59
CA GLY A 205 9.85 25.11 -6.46
C GLY A 205 11.32 24.78 -6.57
N GLN A 206 11.93 24.95 -7.75
CA GLN A 206 13.34 24.56 -7.94
C GLN A 206 14.22 25.74 -8.10
N GLU A 207 13.75 26.90 -7.65
CA GLU A 207 14.47 28.15 -7.91
C GLU A 207 15.85 28.18 -7.23
N ARG A 208 15.91 27.61 -6.02
CA ARG A 208 17.06 27.83 -5.16
C ARG A 208 17.45 26.58 -4.37
N LYS A 209 18.62 26.63 -3.72
CA LYS A 209 19.22 25.56 -2.91
C LYS A 209 19.99 26.31 -1.86
N PHE A 210 20.12 25.72 -0.67
CA PHE A 210 20.94 26.29 0.42
C PHE A 210 22.46 26.22 0.18
N VAL A 211 23.15 27.32 0.48
CA VAL A 211 24.61 27.35 0.42
C VAL A 211 25.12 26.41 1.50
N GLY A 212 25.93 25.43 1.14
CA GLY A 212 26.41 24.45 2.13
C GLY A 212 25.52 23.22 2.29
N GLY A 213 24.37 23.21 1.62
CA GLY A 213 23.43 22.09 1.67
C GLY A 213 22.31 22.24 2.67
N SER A 214 21.17 21.58 2.39
CA SER A 214 19.99 21.57 3.27
C SER A 214 20.09 20.70 4.54
N GLY A 215 21.09 19.83 4.62
CA GLY A 215 21.28 18.99 5.81
C GLY A 215 21.60 19.81 7.03
N GLN A 216 22.14 21.01 6.81
CA GLN A 216 22.46 21.96 7.87
C GLN A 216 21.26 22.45 8.68
N VAL A 217 20.05 22.30 8.13
CA VAL A 217 18.84 22.78 8.79
C VAL A 217 18.65 21.92 10.04
N SER A 218 18.55 20.60 9.83
CA SER A 218 18.54 19.60 10.91
C SER A 218 19.80 19.55 11.74
N GLU A 219 20.99 19.60 11.09
CA GLU A 219 22.25 19.58 11.81
C GLU A 219 22.30 20.70 12.86
N ARG A 220 21.95 21.93 12.43
CA ARG A 220 22.03 23.12 13.29
C ARG A 220 20.97 23.18 14.39
N ILE A 221 19.76 22.67 14.14
CA ILE A 221 18.78 22.53 15.21
C ILE A 221 19.34 21.58 16.27
N MET A 222 19.93 20.45 15.84
CA MET A 222 20.53 19.49 16.80
C MET A 222 21.63 20.16 17.65
N ASP A 223 22.43 21.02 17.01
CA ASP A 223 23.37 21.84 17.77
C ASP A 223 22.65 22.59 18.89
N LEU A 224 21.58 23.31 18.56
CA LEU A 224 20.79 24.06 19.54
C LEU A 224 20.17 23.19 20.62
N LEU A 225 19.77 21.96 20.28
CA LEU A 225 19.14 21.09 21.28
C LEU A 225 20.19 20.31 22.08
N GLY A 226 21.38 20.18 21.50
CA GLY A 226 22.49 19.45 22.12
C GLY A 226 22.16 17.99 22.40
N ASP A 227 22.29 17.61 23.66
CA ASP A 227 22.13 16.22 24.07
C ASP A 227 20.66 15.80 24.29
N ARG A 228 19.72 16.65 23.91
CA ARG A 228 18.29 16.26 23.82
C ARG A 228 17.99 15.42 22.58
N VAL A 229 18.80 15.58 21.52
CA VAL A 229 18.74 14.68 20.37
C VAL A 229 19.50 13.40 20.73
N LYS A 230 18.80 12.26 20.72
CA LYS A 230 19.41 10.95 20.96
C LYS A 230 19.49 10.24 19.62
N LEU A 231 20.70 9.91 19.19
CA LEU A 231 20.93 9.28 17.90
C LEU A 231 21.01 7.78 18.09
N GLU A 232 20.70 7.03 17.02
CA GLU A 232 20.62 5.56 17.07
C GLU A 232 19.69 5.02 18.18
N ARG A 233 18.57 5.73 18.39
CA ARG A 233 17.46 5.26 19.20
C ARG A 233 16.17 4.96 18.38
N PRO A 234 16.14 3.85 17.61
CA PRO A 234 14.90 3.58 16.86
C PRO A 234 13.82 3.21 17.86
N VAL A 235 12.67 3.88 17.78
CA VAL A 235 11.54 3.61 18.71
C VAL A 235 10.87 2.38 18.20
N ILE A 236 10.58 1.49 19.13
CA ILE A 236 9.94 0.17 18.92
C ILE A 236 8.60 -0.01 19.64
N TYR A 237 8.27 0.88 20.57
CA TYR A 237 7.14 0.57 21.47
C TYR A 237 6.56 1.83 22.12
N ILE A 238 5.23 1.95 22.05
CA ILE A 238 4.54 3.08 22.66
C ILE A 238 3.39 2.59 23.54
N ASP A 239 3.45 2.94 24.81
CA ASP A 239 2.39 2.46 25.74
C ASP A 239 1.64 3.64 26.34
N GLN A 240 0.35 3.78 25.99
CA GLN A 240 -0.46 4.86 26.55
C GLN A 240 -1.54 4.39 27.55
N THR A 241 -1.33 3.23 28.16
CA THR A 241 -2.29 2.70 29.13
C THR A 241 -2.16 3.36 30.51
N ARG A 242 -1.00 3.96 30.77
CA ARG A 242 -0.69 4.54 32.08
C ARG A 242 -0.77 6.07 32.08
N GLU A 243 -0.64 6.67 33.27
CA GLU A 243 -0.68 8.13 33.49
C GLU A 243 0.24 8.98 32.60
N ASN A 244 1.53 8.62 32.55
CA ASN A 244 2.46 9.20 31.59
C ASN A 244 2.64 8.24 30.40
N VAL A 245 2.96 8.76 29.22
CA VAL A 245 3.23 7.91 28.06
C VAL A 245 4.63 7.28 28.17
N LEU A 246 4.73 5.97 27.92
CA LEU A 246 6.03 5.26 27.82
C LEU A 246 6.47 4.97 26.39
N VAL A 247 7.68 5.39 26.04
CA VAL A 247 8.26 5.15 24.70
C VAL A 247 9.61 4.43 24.82
N GLU A 248 9.66 3.21 24.29
CA GLU A 248 10.85 2.38 24.38
C GLU A 248 11.64 2.38 23.06
N THR A 249 12.96 2.52 23.15
CA THR A 249 13.85 2.36 21.99
C THR A 249 14.36 0.91 21.81
N LEU A 250 14.94 0.63 20.65
CA LEU A 250 15.54 -0.67 20.35
C LEU A 250 16.74 -1.03 21.30
N ASN A 251 17.52 -0.03 21.71
CA ASN A 251 18.61 -0.26 22.67
C ASN A 251 18.13 -0.24 24.11
N HIS A 252 16.86 -0.61 24.30
CA HIS A 252 16.24 -0.92 25.59
C HIS A 252 15.92 0.23 26.55
N GLU A 253 16.31 1.46 26.18
CA GLU A 253 16.03 2.67 26.95
C GLU A 253 14.54 2.99 26.95
N MET A 254 14.08 3.55 28.05
CA MET A 254 12.67 3.87 28.25
C MET A 254 12.53 5.37 28.48
N TYR A 255 11.60 6.01 27.76
CA TYR A 255 11.30 7.43 27.95
C TYR A 255 9.89 7.60 28.43
N GLU A 256 9.66 8.65 29.20
CA GLU A 256 8.36 8.92 29.78
C GLU A 256 7.96 10.39 29.52
N ALA A 257 6.85 10.60 28.82
CA ALA A 257 6.38 11.95 28.51
C ALA A 257 4.91 12.17 28.86
N LYS A 258 4.50 13.44 28.90
CA LYS A 258 3.11 13.79 28.90
C LYS A 258 2.47 13.51 27.49
N TYR A 259 3.21 13.82 26.39
CA TYR A 259 2.74 13.63 25.00
C TYR A 259 3.81 13.16 24.03
N VAL A 260 3.41 12.73 22.83
CA VAL A 260 4.38 12.30 21.81
C VAL A 260 4.04 12.91 20.44
N ILE A 261 5.06 13.28 19.69
CA ILE A 261 4.88 13.67 18.30
C ILE A 261 5.51 12.54 17.52
N SER A 262 4.71 11.89 16.70
CA SER A 262 5.24 10.98 15.67
C SER A 262 5.60 11.76 14.42
N ALA A 263 6.90 11.92 14.14
CA ALA A 263 7.37 12.75 13.02
C ALA A 263 8.14 11.98 11.91
N ILE A 264 7.57 10.85 11.51
CA ILE A 264 8.19 9.87 10.64
C ILE A 264 7.16 9.64 9.54
N PRO A 265 7.58 9.06 8.38
CA PRO A 265 6.55 8.71 7.39
C PRO A 265 5.48 7.85 7.97
N PRO A 266 4.22 8.08 7.56
CA PRO A 266 3.08 7.32 8.02
C PRO A 266 3.22 5.79 8.01
N THR A 267 3.77 5.21 6.94
CA THR A 267 3.99 3.76 6.94
C THR A 267 5.02 3.33 7.98
N LEU A 268 6.08 4.14 8.18
CA LEU A 268 7.10 3.73 9.14
C LEU A 268 6.54 3.61 10.56
N GLY A 269 5.28 3.99 10.74
CA GLY A 269 4.52 3.73 11.99
C GLY A 269 4.37 2.26 12.30
N MET A 270 4.38 1.44 11.24
CA MET A 270 4.33 -0.03 11.31
C MET A 270 5.45 -0.58 12.19
N LYS A 271 6.59 0.12 12.25
CA LYS A 271 7.78 -0.40 12.94
C LYS A 271 7.67 -0.27 14.46
N ILE A 272 6.55 0.27 14.93
CA ILE A 272 6.31 0.49 16.36
C ILE A 272 5.15 -0.41 16.77
N HIS A 273 5.24 -1.02 17.94
CA HIS A 273 4.21 -1.84 18.52
C HIS A 273 3.45 -1.01 19.55
N PHE A 274 2.13 -1.05 19.48
CA PHE A 274 1.35 -0.09 20.26
C PHE A 274 0.57 -0.82 21.29
N ASN A 275 0.44 -0.22 22.46
CA ASN A 275 -0.45 -0.70 23.55
C ASN A 275 -1.07 0.60 24.08
N PRO A 276 -2.42 0.70 24.09
CA PRO A 276 -3.31 -0.32 23.54
C PRO A 276 -3.10 -0.34 21.99
N PRO A 277 -3.68 -1.32 21.27
CA PRO A 277 -3.45 -1.28 19.80
C PRO A 277 -4.04 -0.01 19.19
N LEU A 278 -3.47 0.46 18.08
CA LEU A 278 -4.04 1.59 17.35
C LEU A 278 -5.53 1.39 17.12
N PRO A 279 -6.31 2.49 17.00
CA PRO A 279 -7.67 2.25 16.57
C PRO A 279 -7.68 1.73 15.12
N MET A 280 -8.78 1.07 14.78
CA MET A 280 -8.95 0.35 13.51
C MET A 280 -8.50 1.04 12.21
N MET A 281 -8.80 2.32 12.06
CA MET A 281 -8.64 3.02 10.78
C MET A 281 -7.19 3.39 10.59
N ARG A 282 -6.57 3.93 11.65
CA ARG A 282 -5.12 4.05 11.68
C ARG A 282 -4.39 2.71 11.52
N ASN A 283 -4.81 1.69 12.28
CA ASN A 283 -4.17 0.38 12.17
C ASN A 283 -4.04 -0.02 10.69
N GLN A 284 -5.11 0.16 9.93
CA GLN A 284 -5.12 -0.19 8.50
C GLN A 284 -4.49 0.87 7.58
N MET A 285 -4.71 2.16 7.87
CA MET A 285 -4.13 3.20 7.03
C MET A 285 -2.61 3.01 6.77
N ILE A 286 -1.86 2.69 7.83
CA ILE A 286 -0.37 2.65 7.74
C ILE A 286 0.17 1.47 6.89
N THR A 287 -0.73 0.57 6.52
CA THR A 287 -0.39 -0.55 5.60
C THR A 287 -0.69 -0.25 4.13
N ARG A 288 -1.02 1.03 3.84
CA ARG A 288 -1.69 1.44 2.57
C ARG A 288 -1.06 2.61 1.86
N VAL A 289 -0.01 3.18 2.47
CA VAL A 289 0.59 4.46 2.07
C VAL A 289 2.10 4.34 1.81
N PRO A 290 2.47 3.84 0.61
CA PRO A 290 3.86 3.62 0.25
C PRO A 290 4.53 4.92 -0.22
N LEU A 291 5.85 4.92 -0.26
CA LEU A 291 6.67 6.07 -0.72
C LEU A 291 7.26 5.73 -2.08
N GLY A 292 7.62 6.72 -2.89
CA GLY A 292 7.99 6.45 -4.25
C GLY A 292 9.36 5.85 -4.33
N SER A 293 9.91 5.80 -5.54
CA SER A 293 11.22 5.22 -5.79
C SER A 293 12.05 6.15 -6.64
N VAL A 294 13.26 6.44 -6.16
CA VAL A 294 14.16 7.33 -6.86
C VAL A 294 15.62 7.10 -6.48
N ILE A 295 16.53 7.29 -7.46
CA ILE A 295 17.96 7.41 -7.17
C ILE A 295 18.37 8.80 -7.63
N LYS A 296 19.07 9.55 -6.77
CA LYS A 296 19.48 10.88 -7.14
C LYS A 296 20.93 10.83 -7.59
N CYS A 297 21.23 11.34 -8.78
CA CYS A 297 22.53 11.15 -9.38
C CYS A 297 23.18 12.46 -9.79
N ILE A 298 24.44 12.63 -9.37
CA ILE A 298 25.17 13.84 -9.70
C ILE A 298 26.51 13.52 -10.43
N VAL A 299 26.62 13.90 -11.70
CA VAL A 299 27.85 13.70 -12.50
C VAL A 299 28.65 15.00 -12.55
N TYR A 300 29.96 14.95 -12.22
CA TYR A 300 30.82 16.13 -12.13
C TYR A 300 31.74 16.25 -13.35
N TYR A 301 31.97 17.48 -13.76
CA TYR A 301 32.87 17.80 -14.87
C TYR A 301 33.81 18.89 -14.49
N LYS A 302 34.85 19.08 -15.30
CA LYS A 302 35.87 20.13 -15.10
C LYS A 302 35.36 21.57 -15.24
N GLU A 303 34.54 21.79 -16.26
CA GLU A 303 33.86 23.08 -16.48
C GLU A 303 32.38 22.86 -16.82
N PRO A 304 31.48 23.85 -16.55
CA PRO A 304 30.08 23.72 -16.98
C PRO A 304 29.96 23.96 -18.50
N PHE A 305 30.47 23.00 -19.27
CA PHE A 305 30.71 23.12 -20.71
C PHE A 305 29.42 23.36 -21.50
N TRP A 306 28.29 22.92 -20.94
CA TRP A 306 26.98 23.17 -21.55
C TRP A 306 26.67 24.66 -21.75
N ARG A 307 27.06 25.49 -20.78
CA ARG A 307 26.80 26.93 -20.88
C ARG A 307 27.39 27.52 -22.15
N LYS A 308 28.55 27.01 -22.58
CA LYS A 308 29.23 27.50 -23.77
C LYS A 308 28.36 27.36 -25.01
N LYS A 309 27.56 26.30 -25.06
CA LYS A 309 26.58 26.10 -26.12
C LYS A 309 25.22 26.78 -25.84
N ASP A 310 25.15 27.56 -24.76
CA ASP A 310 23.98 28.36 -24.43
C ASP A 310 22.90 27.40 -23.99
N TYR A 311 23.26 26.51 -23.05
CA TYR A 311 22.32 25.59 -22.37
C TYR A 311 22.49 25.71 -20.86
N CYS A 312 21.41 25.93 -20.12
CA CYS A 312 21.55 26.05 -18.68
C CYS A 312 21.91 24.74 -18.03
N GLY A 313 21.62 23.63 -18.73
CA GLY A 313 21.80 22.31 -18.11
C GLY A 313 20.50 21.64 -17.70
N THR A 314 19.38 22.31 -17.91
CA THR A 314 18.04 21.66 -17.71
C THR A 314 17.66 20.88 -18.94
N MET A 315 17.32 19.62 -18.72
CA MET A 315 17.00 18.71 -19.79
C MET A 315 15.69 18.03 -19.38
N ILE A 316 14.72 18.02 -20.30
CA ILE A 316 13.44 17.31 -20.15
C ILE A 316 13.51 16.23 -21.21
N ILE A 317 13.58 14.99 -20.74
CA ILE A 317 13.98 13.88 -21.60
C ILE A 317 12.88 12.83 -21.76
N ASP A 318 12.16 12.90 -22.90
CA ASP A 318 11.11 11.90 -23.22
C ASP A 318 11.75 10.52 -23.51
N GLY A 319 11.07 9.42 -23.18
CA GLY A 319 11.50 8.10 -23.66
C GLY A 319 11.49 6.97 -22.61
N GLU A 320 11.41 5.70 -23.07
CA GLU A 320 11.69 4.60 -22.15
C GLU A 320 13.19 4.38 -22.00
N GLU A 321 13.89 4.55 -23.12
CA GLU A 321 15.32 4.32 -23.18
C GLU A 321 16.15 5.14 -22.16
N ALA A 322 15.76 6.39 -21.92
CA ALA A 322 16.44 7.32 -21.01
C ALA A 322 16.42 6.95 -19.51
N PRO A 323 17.60 6.74 -18.90
CA PRO A 323 17.65 6.44 -17.47
C PRO A 323 17.05 7.53 -16.55
N VAL A 324 17.10 8.75 -17.05
CA VAL A 324 16.81 10.00 -16.33
C VAL A 324 15.89 10.81 -17.22
N ALA A 325 14.78 11.31 -16.66
CA ALA A 325 13.82 12.12 -17.45
C ALA A 325 14.02 13.66 -17.32
N TYR A 326 14.82 14.06 -16.33
CA TYR A 326 14.99 15.48 -15.97
C TYR A 326 16.36 15.75 -15.36
N THR A 327 16.96 16.89 -15.67
CA THR A 327 18.25 17.26 -15.11
C THR A 327 18.29 18.74 -14.78
N LEU A 328 19.21 19.12 -13.90
CA LEU A 328 19.42 20.52 -13.54
C LEU A 328 20.91 20.74 -13.32
N ASP A 329 21.41 21.88 -13.79
CA ASP A 329 22.77 22.33 -13.44
C ASP A 329 22.94 22.30 -11.90
N ASP A 330 23.95 21.61 -11.39
CA ASP A 330 24.14 21.52 -9.92
C ASP A 330 25.48 22.11 -9.53
N THR A 331 26.02 22.96 -10.38
CA THR A 331 27.25 23.70 -10.08
C THR A 331 27.05 24.64 -8.90
N LYS A 332 28.17 25.01 -8.26
CA LYS A 332 28.09 25.84 -7.07
C LYS A 332 27.95 27.31 -7.51
N PRO A 333 27.38 28.18 -6.66
CA PRO A 333 27.17 29.55 -7.10
C PRO A 333 28.50 30.24 -7.48
N GLU A 334 29.60 29.72 -6.95
CA GLU A 334 30.92 30.18 -7.29
C GLU A 334 31.35 29.79 -8.72
N GLY A 335 30.63 28.84 -9.31
CA GLY A 335 30.93 28.32 -10.67
C GLY A 335 31.93 27.15 -10.78
N ASN A 336 32.39 26.62 -9.64
CA ASN A 336 33.21 25.41 -9.65
C ASN A 336 32.40 24.19 -9.27
N TYR A 337 33.06 23.02 -9.25
CA TYR A 337 32.43 21.73 -9.06
C TYR A 337 31.25 21.67 -10.02
N ALA A 338 31.51 21.98 -11.30
CA ALA A 338 30.50 21.81 -12.33
C ALA A 338 29.88 20.42 -12.21
N ALA A 339 28.56 20.36 -12.27
CA ALA A 339 27.81 19.13 -12.10
C ALA A 339 26.45 19.18 -12.80
N ILE A 340 25.93 18.00 -13.15
CA ILE A 340 24.55 17.85 -13.61
C ILE A 340 23.83 16.90 -12.66
N MET A 341 22.70 17.33 -12.10
CA MET A 341 21.88 16.48 -11.24
C MET A 341 20.81 15.83 -12.12
N GLY A 342 20.52 14.54 -11.87
CA GLY A 342 19.46 13.79 -12.55
C GLY A 342 18.81 12.82 -11.57
N PHE A 343 17.53 12.55 -11.81
CA PHE A 343 16.72 11.64 -11.00
C PHE A 343 16.39 10.38 -11.80
N ILE A 344 16.73 9.20 -11.29
CA ILE A 344 16.18 7.97 -11.84
C ILE A 344 14.94 7.59 -11.05
N LEU A 345 13.79 7.60 -11.76
CA LEU A 345 12.42 7.59 -11.14
C LEU A 345 11.60 6.33 -11.30
N ALA A 346 10.78 6.02 -10.27
CA ALA A 346 9.78 4.97 -10.41
C ALA A 346 10.37 3.66 -10.94
N HIS A 347 9.81 3.07 -12.02
CA HIS A 347 10.23 1.71 -12.43
C HIS A 347 11.69 1.66 -12.87
N LYS A 348 12.25 2.79 -13.30
CA LYS A 348 13.67 2.82 -13.72
C LYS A 348 14.60 2.76 -12.52
N ALA A 349 14.16 3.29 -11.40
CA ALA A 349 14.86 3.16 -10.13
C ALA A 349 14.99 1.69 -9.75
N ARG A 350 13.89 0.96 -9.86
CA ARG A 350 13.78 -0.49 -9.59
C ARG A 350 14.62 -1.32 -10.57
N LYS A 351 14.57 -0.95 -11.85
CA LYS A 351 15.27 -1.65 -12.91
C LYS A 351 16.78 -1.40 -12.89
N LEU A 352 17.21 -0.13 -12.91
CA LEU A 352 18.63 0.23 -12.92
C LEU A 352 19.39 0.05 -11.58
N ALA A 353 18.66 -0.15 -10.48
CA ALA A 353 19.27 -0.53 -9.20
C ALA A 353 20.13 -1.80 -9.33
N ARG A 354 19.80 -2.63 -10.31
CA ARG A 354 20.48 -3.92 -10.51
C ARG A 354 21.89 -3.78 -11.05
N LEU A 355 22.21 -2.61 -11.59
CA LEU A 355 23.53 -2.33 -12.15
C LEU A 355 24.46 -1.88 -11.03
N THR A 356 25.73 -1.72 -11.39
CA THR A 356 26.76 -1.16 -10.52
C THR A 356 26.79 0.37 -10.69
N LYS A 357 27.38 1.06 -9.71
CA LYS A 357 27.57 2.50 -9.74
C LYS A 357 28.22 2.95 -11.05
N GLU A 358 29.17 2.16 -11.53
CA GLU A 358 29.98 2.51 -12.72
C GLU A 358 29.13 2.39 -13.97
N GLU A 359 28.25 1.39 -13.97
CA GLU A 359 27.31 1.14 -15.06
C GLU A 359 26.26 2.24 -15.18
N ARG A 360 25.68 2.67 -14.06
CA ARG A 360 24.79 3.83 -14.08
C ARG A 360 25.52 5.11 -14.59
N LEU A 361 26.62 5.53 -13.94
CA LEU A 361 27.43 6.66 -14.47
C LEU A 361 27.61 6.68 -15.99
N LYS A 362 27.97 5.53 -16.59
CA LYS A 362 28.25 5.44 -18.02
C LYS A 362 27.02 5.76 -18.82
N LYS A 363 25.91 5.20 -18.36
CA LYS A 363 24.62 5.40 -18.99
C LYS A 363 24.16 6.83 -18.94
N LEU A 364 24.44 7.55 -17.85
CA LEU A 364 24.05 8.94 -17.73
C LEU A 364 24.89 9.74 -18.69
N CYS A 365 26.21 9.56 -18.64
CA CYS A 365 27.12 10.33 -19.48
C CYS A 365 26.78 10.20 -20.97
N GLU A 366 26.60 8.99 -21.42
CA GLU A 366 26.16 8.68 -22.78
C GLU A 366 24.81 9.30 -23.16
N LEU A 367 23.83 9.21 -22.29
CA LEU A 367 22.62 10.00 -22.45
C LEU A 367 22.91 11.50 -22.55
N TYR A 368 23.63 12.05 -21.56
CA TYR A 368 23.83 13.51 -21.48
C TYR A 368 24.66 13.93 -22.71
N ALA A 369 25.53 13.07 -23.22
CA ALA A 369 26.33 13.43 -24.43
C ALA A 369 25.43 13.51 -25.66
N LYS A 370 24.39 12.67 -25.69
CA LYS A 370 23.40 12.77 -26.78
C LYS A 370 22.53 14.04 -26.75
N VAL A 371 21.88 14.27 -25.61
CA VAL A 371 20.98 15.40 -25.48
C VAL A 371 21.68 16.76 -25.66
N LEU A 372 22.87 16.92 -25.06
CA LEU A 372 23.59 18.17 -25.04
C LEU A 372 24.41 18.32 -26.33
N GLY A 373 24.53 17.27 -27.13
CA GLY A 373 25.40 17.27 -28.35
C GLY A 373 26.89 17.41 -28.05
N SER A 374 27.35 16.90 -26.91
CA SER A 374 28.68 17.27 -26.37
C SER A 374 29.46 16.05 -25.89
N LEU A 375 30.57 15.77 -26.57
CA LEU A 375 31.49 14.67 -26.21
C LEU A 375 32.11 14.84 -24.83
N GLU A 376 32.26 16.09 -24.41
CA GLU A 376 32.74 16.42 -23.07
C GLU A 376 31.91 15.76 -21.97
N ALA A 377 30.66 15.40 -22.28
CA ALA A 377 29.75 14.78 -21.27
C ALA A 377 30.18 13.36 -20.96
N LEU A 378 31.04 12.83 -21.81
CA LEU A 378 31.55 11.47 -21.65
C LEU A 378 32.81 11.44 -20.76
N GLU A 379 33.16 12.58 -20.17
CA GLU A 379 34.46 12.73 -19.52
C GLU A 379 34.31 13.30 -18.10
N PRO A 380 33.49 12.66 -17.24
CA PRO A 380 33.27 13.21 -15.89
C PRO A 380 34.49 13.05 -14.98
N VAL A 381 34.52 13.75 -13.86
CA VAL A 381 35.68 13.75 -12.96
C VAL A 381 35.30 13.05 -11.64
N HIS A 382 33.99 12.99 -11.36
CA HIS A 382 33.47 12.44 -10.12
C HIS A 382 31.98 12.11 -10.34
N TYR A 383 31.39 11.34 -9.41
CA TYR A 383 30.00 10.94 -9.47
C TYR A 383 29.56 10.56 -8.07
N GLU A 384 28.41 11.06 -7.63
CA GLU A 384 27.77 10.61 -6.37
C GLU A 384 26.31 10.32 -6.64
N GLU A 385 25.74 9.36 -5.92
CA GLU A 385 24.35 8.90 -6.09
C GLU A 385 23.77 8.35 -4.78
N LYS A 386 22.47 8.53 -4.56
CA LYS A 386 21.83 7.82 -3.44
C LYS A 386 20.49 7.28 -3.87
N ASN A 387 20.30 6.01 -3.59
CA ASN A 387 19.11 5.26 -3.87
C ASN A 387 18.26 5.18 -2.60
N TRP A 388 17.17 5.93 -2.57
CA TRP A 388 16.36 6.03 -1.36
C TRP A 388 15.47 4.84 -1.08
N CYS A 389 15.39 3.97 -2.07
CA CYS A 389 14.63 2.73 -2.01
C CYS A 389 15.16 1.79 -0.94
N GLU A 390 16.43 1.94 -0.59
CA GLU A 390 17.12 1.01 0.29
C GLU A 390 17.09 1.42 1.77
N GLU A 391 16.57 2.61 2.05
CA GLU A 391 16.48 3.16 3.41
C GLU A 391 15.35 2.56 4.26
N GLN A 392 15.72 1.75 5.25
CA GLN A 392 14.80 1.16 6.22
C GLN A 392 13.98 2.24 6.98
N TYR A 393 14.61 3.39 7.21
CA TYR A 393 13.99 4.46 8.00
C TYR A 393 13.52 5.68 7.21
N SER A 394 13.47 5.55 5.87
CA SER A 394 12.64 6.39 5.00
C SER A 394 11.52 5.60 4.31
N GLY A 395 11.88 4.48 3.68
CA GLY A 395 10.89 3.61 3.01
C GLY A 395 10.83 3.94 1.53
N GLY A 396 11.56 4.99 1.13
CA GLY A 396 11.60 5.58 -0.22
C GLY A 396 11.73 7.12 -0.22
N CYS A 397 11.57 7.75 -1.41
CA CYS A 397 11.50 9.23 -1.60
C CYS A 397 10.81 9.58 -2.96
N TYR A 398 10.48 10.85 -3.27
CA TYR A 398 10.47 11.97 -2.33
C TYR A 398 9.53 11.76 -1.13
N THR A 399 8.36 11.17 -1.37
CA THR A 399 7.27 11.19 -0.36
C THR A 399 6.31 10.04 -0.51
N THR A 400 5.31 10.04 0.37
CA THR A 400 4.26 9.00 0.43
C THR A 400 3.20 9.26 -0.64
N TYR A 401 2.80 8.24 -1.37
CA TYR A 401 1.75 8.43 -2.38
C TYR A 401 0.52 7.64 -2.03
N PHE A 402 -0.65 8.03 -2.53
CA PHE A 402 -1.88 7.29 -2.19
C PHE A 402 -2.34 6.59 -3.46
N PRO A 403 -2.40 5.23 -3.43
CA PRO A 403 -3.02 4.42 -4.45
C PRO A 403 -4.57 4.57 -4.40
N PRO A 404 -5.25 4.18 -5.48
CA PRO A 404 -6.65 4.52 -5.60
C PRO A 404 -7.53 3.92 -4.51
N GLY A 405 -8.42 4.77 -3.98
CA GLY A 405 -9.45 4.34 -3.05
C GLY A 405 -9.12 4.55 -1.58
N ILE A 406 -7.92 5.06 -1.32
CA ILE A 406 -7.31 5.13 0.02
C ILE A 406 -7.55 6.48 0.64
N LEU A 407 -7.25 7.54 -0.12
CA LEU A 407 -7.43 8.92 0.36
C LEU A 407 -8.85 9.20 0.85
N THR A 408 -9.87 8.65 0.19
CA THR A 408 -11.26 8.92 0.61
C THR A 408 -11.76 8.05 1.77
N GLN A 409 -11.23 6.82 1.86
CA GLN A 409 -11.52 5.91 2.95
C GLN A 409 -10.68 6.16 4.20
N TYR A 410 -9.42 6.57 4.02
CA TYR A 410 -8.49 6.65 5.15
C TYR A 410 -7.84 7.98 5.42
N GLY A 411 -8.03 8.96 4.52
CA GLY A 411 -7.31 10.23 4.56
C GLY A 411 -7.46 11.11 5.78
N ARG A 412 -8.63 11.12 6.38
CA ARG A 412 -8.92 11.98 7.53
C ARG A 412 -8.20 11.58 8.83
N VAL A 413 -7.77 10.33 8.83
CA VAL A 413 -7.07 9.63 9.90
C VAL A 413 -5.59 10.07 9.98
N LEU A 414 -5.00 10.48 8.84
CA LEU A 414 -3.59 10.87 8.80
C LEU A 414 -3.07 11.69 9.99
N ARG A 415 -3.73 12.79 10.34
CA ARG A 415 -3.26 13.65 11.44
C ARG A 415 -4.22 13.74 12.63
N GLN A 416 -5.09 12.77 12.72
CA GLN A 416 -5.93 12.60 13.88
C GLN A 416 -5.04 12.07 15.02
N PRO A 417 -5.04 12.76 16.19
CA PRO A 417 -4.33 12.30 17.38
C PRO A 417 -4.83 10.94 17.79
N VAL A 418 -3.91 10.09 18.24
CA VAL A 418 -4.33 8.87 18.96
C VAL A 418 -4.06 9.05 20.46
N ASP A 419 -5.08 9.49 21.20
CA ASP A 419 -4.98 9.76 22.65
C ASP A 419 -3.98 10.90 22.92
N ARG A 420 -2.73 10.56 23.24
CA ARG A 420 -1.68 11.59 23.51
C ARG A 420 -0.54 11.66 22.49
N ILE A 421 -0.70 10.95 21.37
CA ILE A 421 0.21 11.03 20.20
C ILE A 421 -0.38 11.99 19.13
N TYR A 422 0.48 12.73 18.44
CA TYR A 422 0.10 13.76 17.50
C TYR A 422 1.03 13.52 16.35
N PHE A 423 0.58 13.84 15.14
CA PHE A 423 1.31 13.47 13.97
C PHE A 423 1.84 14.68 13.20
N ALA A 424 3.16 14.67 13.02
CA ALA A 424 3.89 15.65 12.23
C ALA A 424 4.35 14.97 10.94
N GLY A 425 5.48 15.37 10.39
CA GLY A 425 5.95 14.73 9.13
C GLY A 425 5.33 15.35 7.91
N THR A 426 6.12 15.50 6.83
CA THR A 426 5.67 16.28 5.67
C THR A 426 4.33 15.87 5.07
N GLU A 427 3.98 14.62 5.29
CA GLU A 427 2.76 13.97 4.73
C GLU A 427 1.43 14.51 5.31
N THR A 428 1.53 15.19 6.46
CA THR A 428 0.37 15.72 7.18
C THR A 428 0.20 17.21 6.94
N ALA A 429 1.09 17.82 6.14
CA ALA A 429 1.01 19.25 5.73
C ALA A 429 -0.13 19.54 4.78
N THR A 430 -0.56 20.79 4.72
CA THR A 430 -1.61 21.18 3.82
C THR A 430 -1.13 22.10 2.70
N HIS A 431 0.15 22.48 2.69
CA HIS A 431 0.76 23.38 1.66
C HIS A 431 2.20 22.90 1.38
N TRP A 432 2.49 22.49 0.17
CA TRP A 432 3.78 21.84 -0.17
C TRP A 432 4.06 20.59 0.72
N SER A 433 3.01 19.87 1.11
CA SER A 433 3.22 18.52 1.63
C SER A 433 4.07 17.69 0.65
N GLY A 434 5.16 17.11 1.18
CA GLY A 434 6.07 16.22 0.48
C GLY A 434 7.44 16.86 0.29
N TYR A 435 7.49 18.14 0.67
CA TYR A 435 8.67 18.98 0.58
C TYR A 435 9.24 19.26 1.98
N MET A 436 10.39 19.91 2.01
CA MET A 436 11.01 20.38 3.27
C MET A 436 10.17 21.48 3.91
N GLU A 437 9.47 22.27 3.08
CA GLU A 437 8.45 23.21 3.56
C GLU A 437 7.31 22.59 4.45
N GLY A 438 6.68 21.52 3.96
CA GLY A 438 5.58 20.80 4.69
C GLY A 438 5.97 20.04 5.95
N ALA A 439 7.20 19.56 5.95
CA ALA A 439 7.85 19.07 7.15
C ALA A 439 7.81 20.13 8.28
N VAL A 440 8.22 21.36 7.93
CA VAL A 440 8.17 22.47 8.89
C VAL A 440 6.73 22.79 9.37
N GLU A 441 5.83 23.02 8.42
CA GLU A 441 4.46 23.36 8.71
C GLU A 441 3.85 22.35 9.70
N ALA A 442 4.01 21.06 9.39
CA ALA A 442 3.47 19.93 10.18
C ALA A 442 4.17 19.77 11.53
N GLY A 443 5.50 19.89 11.55
CA GLY A 443 6.21 19.84 12.81
C GLY A 443 5.75 20.93 13.73
N GLU A 444 5.70 22.16 13.21
CA GLU A 444 5.36 23.28 14.07
C GLU A 444 3.85 23.17 14.47
N ARG A 445 3.00 22.85 13.51
CA ARG A 445 1.57 22.61 13.80
C ARG A 445 1.28 21.54 14.87
N ALA A 446 1.95 20.40 14.80
CA ALA A 446 1.73 19.31 15.78
C ALA A 446 2.27 19.75 17.13
N ALA A 447 3.35 20.55 17.11
CA ALA A 447 3.89 21.14 18.35
C ALA A 447 2.87 22.06 19.00
N ARG A 448 2.16 22.87 18.21
CA ARG A 448 1.13 23.76 18.80
C ARG A 448 -0.14 23.05 19.27
N GLU A 449 -0.46 21.90 18.69
CA GLU A 449 -1.58 21.05 19.13
C GLU A 449 -1.36 20.54 20.53
N ILE A 450 -0.14 20.07 20.78
CA ILE A 450 0.27 19.70 22.15
C ILE A 450 0.29 20.91 23.10
N LEU A 451 0.77 22.07 22.64
CA LEU A 451 0.76 23.28 23.50
C LEU A 451 -0.67 23.67 23.88
N HIS A 452 -1.56 23.62 22.89
CA HIS A 452 -2.97 23.82 23.14
C HIS A 452 -3.53 22.82 24.16
N ALA A 453 -3.13 21.56 24.05
CA ALA A 453 -3.65 20.52 24.96
C ALA A 453 -3.30 20.84 26.40
N MET A 454 -2.23 21.61 26.58
CA MET A 454 -1.74 21.96 27.92
C MET A 454 -2.27 23.32 28.41
N GLY A 455 -2.97 24.04 27.55
CA GLY A 455 -3.62 25.30 27.91
C GLY A 455 -2.69 26.50 27.81
N LYS A 456 -1.58 26.32 27.11
CA LYS A 456 -0.59 27.37 26.91
C LYS A 456 -0.98 28.32 25.80
N ILE A 457 -1.74 27.84 24.81
CA ILE A 457 -2.23 28.67 23.70
C ILE A 457 -3.71 28.38 23.41
N PRO A 458 -4.45 29.34 22.82
CA PRO A 458 -5.82 29.01 22.40
C PRO A 458 -5.89 28.15 21.12
N GLU A 459 -7.06 27.53 20.92
CA GLU A 459 -7.34 26.78 19.69
C GLU A 459 -7.02 27.57 18.40
N ASP A 460 -7.38 28.85 18.42
CA ASP A 460 -7.03 29.84 17.40
C ASP A 460 -5.63 29.69 16.83
N GLU A 461 -4.69 29.26 17.67
CA GLU A 461 -3.28 29.45 17.37
C GLU A 461 -2.51 28.22 16.90
N ILE A 462 -3.22 27.09 16.78
CA ILE A 462 -2.67 25.79 16.31
C ILE A 462 -2.21 25.84 14.85
N TRP A 463 -3.05 26.39 13.98
CA TRP A 463 -2.74 26.58 12.57
C TRP A 463 -2.35 28.04 12.41
N GLN A 464 -1.20 28.29 11.79
CA GLN A 464 -0.62 29.63 11.81
C GLN A 464 0.01 30.00 10.47
N SER A 465 -0.35 31.18 9.98
CA SER A 465 0.05 31.63 8.66
C SER A 465 1.48 32.17 8.73
N GLU A 466 2.18 32.19 7.59
CA GLU A 466 3.59 32.60 7.51
C GLU A 466 3.78 33.87 6.68
N PRO A 467 4.49 34.89 7.24
CA PRO A 467 4.79 36.05 6.36
C PRO A 467 5.70 35.66 5.20
N GLU A 468 5.52 36.30 4.05
CA GLU A 468 6.31 36.01 2.86
C GLU A 468 7.77 36.39 3.02
N SER A 469 8.67 35.55 2.52
CA SER A 469 10.10 35.84 2.59
C SER A 469 10.37 37.14 1.83
N VAL A 470 11.15 38.04 2.45
CA VAL A 470 11.57 39.27 1.76
C VAL A 470 12.76 39.00 0.83
N ASP A 471 13.37 37.82 0.98
CA ASP A 471 14.53 37.40 0.20
C ASP A 471 14.14 36.63 -1.05
N VAL A 472 13.05 35.89 -0.96
CA VAL A 472 12.53 35.02 -2.02
C VAL A 472 11.02 35.28 -2.29
N PRO A 473 10.66 36.51 -2.71
CA PRO A 473 9.22 36.78 -2.89
C PRO A 473 8.62 36.08 -4.13
N ALA A 474 7.31 35.83 -4.10
CA ALA A 474 6.62 35.09 -5.15
C ALA A 474 6.02 36.03 -6.20
N GLN A 475 6.32 35.78 -7.48
CA GLN A 475 5.60 36.45 -8.55
C GLN A 475 4.28 35.68 -8.72
N PRO A 476 3.19 36.38 -9.05
CA PRO A 476 1.90 35.69 -9.19
C PRO A 476 1.91 34.77 -10.43
N ILE A 477 1.10 33.71 -10.41
CA ILE A 477 0.91 32.83 -11.56
C ILE A 477 -0.19 33.38 -12.47
N THR A 478 0.15 33.65 -13.72
CA THR A 478 -0.79 34.30 -14.65
C THR A 478 -1.13 33.42 -15.85
N THR A 479 -2.39 33.48 -16.31
CA THR A 479 -2.78 32.95 -17.64
C THR A 479 -3.17 34.03 -18.67
N THR A 480 -2.94 33.76 -19.96
CA THR A 480 -3.47 34.62 -21.03
C THR A 480 -4.95 34.31 -21.29
N PHE A 481 -5.60 35.16 -22.09
CA PHE A 481 -7.01 34.98 -22.47
C PHE A 481 -7.19 33.74 -23.36
N LEU A 482 -6.26 33.55 -24.30
CA LEU A 482 -6.30 32.40 -25.21
C LEU A 482 -6.21 31.08 -24.43
N GLU A 483 -5.22 30.99 -23.54
CA GLU A 483 -5.05 29.83 -22.65
C GLU A 483 -6.32 29.41 -21.92
N ARG A 484 -7.03 30.41 -21.45
CA ARG A 484 -8.25 30.21 -20.69
C ARG A 484 -9.45 29.82 -21.56
N HIS A 485 -9.46 30.29 -22.82
CA HIS A 485 -10.63 30.11 -23.71
C HIS A 485 -10.44 29.27 -25.00
N LEU A 486 -9.20 28.96 -25.37
CA LEU A 486 -8.97 28.02 -26.46
C LEU A 486 -9.70 26.73 -26.10
N PRO A 487 -10.36 26.10 -27.10
CA PRO A 487 -11.08 24.86 -26.79
C PRO A 487 -10.09 23.72 -26.55
N SER A 488 -10.60 22.59 -26.05
CA SER A 488 -9.89 21.32 -26.12
C SER A 488 -10.12 20.69 -27.50
N VAL A 489 -9.47 19.54 -27.74
CA VAL A 489 -9.73 18.73 -28.90
C VAL A 489 -11.19 18.31 -29.06
N PRO A 490 -11.80 17.64 -28.06
CA PRO A 490 -13.22 17.28 -28.17
C PRO A 490 -14.17 18.48 -28.29
N GLY A 491 -13.82 19.59 -27.65
CA GLY A 491 -14.56 20.86 -27.76
C GLY A 491 -14.48 21.53 -29.13
N LEU A 492 -13.33 21.41 -29.80
CA LEU A 492 -13.18 21.80 -31.20
C LEU A 492 -13.95 20.86 -32.15
N LEU A 493 -13.89 19.57 -31.89
CA LEU A 493 -14.61 18.57 -32.67
C LEU A 493 -16.13 18.80 -32.59
N ARG A 494 -16.64 19.06 -31.38
CA ARG A 494 -18.04 19.43 -31.19
C ARG A 494 -18.39 20.75 -31.86
N LEU A 495 -17.41 21.63 -31.95
CA LEU A 495 -17.60 22.89 -32.67
C LEU A 495 -17.62 22.70 -34.20
N ILE A 496 -16.78 21.78 -34.70
CA ILE A 496 -16.85 21.34 -36.09
C ILE A 496 -18.19 20.63 -36.36
N GLY A 497 -18.68 19.86 -35.39
CA GLY A 497 -20.00 19.20 -35.52
C GLY A 497 -21.18 20.15 -35.67
N LEU A 498 -21.13 21.26 -34.94
CA LEU A 498 -22.21 22.25 -34.85
C LEU A 498 -22.31 23.19 -36.05
N THR A 499 -21.18 23.75 -36.45
CA THR A 499 -21.12 24.67 -37.59
C THR A 499 -21.59 24.03 -38.91
N THR A 500 -21.66 22.69 -38.95
CA THR A 500 -22.07 21.98 -40.19
C THR A 500 -23.63 21.85 -40.33
N ILE A 501 -24.22 20.99 -39.48
CA ILE A 501 -25.68 20.78 -39.48
C ILE A 501 -26.48 22.08 -39.23
N ASN B 3 16.80 -19.16 24.54
CA ASN B 3 18.00 -18.78 23.72
C ASN B 3 18.12 -19.68 22.49
N LYS B 4 18.92 -20.75 22.56
CA LYS B 4 19.48 -21.40 21.37
C LYS B 4 18.64 -22.54 20.79
N CYS B 5 18.56 -22.60 19.46
CA CYS B 5 17.81 -23.65 18.74
C CYS B 5 18.27 -23.79 17.26
N ASP B 6 17.64 -24.68 16.50
CA ASP B 6 17.95 -24.84 15.07
C ASP B 6 17.19 -23.80 14.25
N VAL B 7 15.88 -23.68 14.51
CA VAL B 7 14.99 -22.80 13.71
C VAL B 7 13.98 -22.00 14.53
N VAL B 8 13.98 -20.67 14.36
CA VAL B 8 12.95 -19.83 14.96
C VAL B 8 11.86 -19.52 13.91
N VAL B 9 10.61 -19.79 14.27
CA VAL B 9 9.46 -19.49 13.41
C VAL B 9 8.76 -18.27 13.99
N VAL B 10 8.67 -17.22 13.19
CA VAL B 10 7.96 -16.02 13.60
C VAL B 10 6.50 -16.17 13.17
N GLY B 11 5.60 -16.46 14.13
CA GLY B 11 4.18 -16.58 13.81
C GLY B 11 3.50 -17.88 14.23
N GLY B 12 2.44 -17.79 15.03
CA GLY B 12 1.71 -19.00 15.56
C GLY B 12 0.37 -19.22 14.86
N GLY B 13 0.32 -18.87 13.57
CA GLY B 13 -0.86 -19.13 12.76
C GLY B 13 -0.71 -20.52 12.18
N ILE B 14 -1.66 -20.93 11.34
CA ILE B 14 -1.57 -22.22 10.65
C ILE B 14 -0.27 -22.34 9.84
N SER B 15 0.17 -21.30 9.17
CA SER B 15 1.39 -21.46 8.39
C SER B 15 2.64 -21.77 9.25
N GLY B 16 2.88 -20.95 10.28
CA GLY B 16 4.00 -21.14 11.22
C GLY B 16 3.92 -22.48 11.97
N MET B 17 2.72 -22.87 12.43
CA MET B 17 2.56 -24.09 13.19
C MET B 17 2.82 -25.32 12.31
N ALA B 18 2.45 -25.24 11.03
CA ALA B 18 2.64 -26.32 10.06
C ALA B 18 4.10 -26.49 9.73
N ALA B 19 4.78 -25.36 9.62
CA ALA B 19 6.23 -25.33 9.37
C ALA B 19 6.95 -25.96 10.55
N ALA B 20 6.72 -25.40 11.75
CA ALA B 20 7.33 -25.90 13.00
C ALA B 20 7.11 -27.39 13.21
N LYS B 21 5.88 -27.85 13.04
CA LYS B 21 5.57 -29.28 13.16
C LYS B 21 6.33 -30.18 12.16
N LEU B 22 6.44 -29.78 10.89
CA LEU B 22 7.31 -30.48 9.93
C LEU B 22 8.74 -30.57 10.46
N LEU B 23 9.36 -29.42 10.77
CA LEU B 23 10.75 -29.37 11.27
C LEU B 23 10.92 -30.19 12.56
N HIS B 24 9.98 -30.05 13.49
CA HIS B 24 9.94 -30.87 14.72
C HIS B 24 9.88 -32.33 14.40
N ASP B 25 8.98 -32.69 13.49
CA ASP B 25 8.81 -34.07 13.00
C ASP B 25 10.08 -34.64 12.36
N SER B 26 10.92 -33.75 11.80
CA SER B 26 12.23 -34.12 11.20
C SER B 26 13.39 -34.19 12.23
N GLY B 27 13.07 -33.96 13.51
CA GLY B 27 14.06 -33.98 14.61
C GLY B 27 14.87 -32.72 14.90
N LEU B 28 14.51 -31.59 14.27
CA LEU B 28 15.13 -30.31 14.60
C LEU B 28 14.47 -29.62 15.80
N ASN B 29 15.25 -28.76 16.46
CA ASN B 29 14.77 -27.96 17.58
C ASN B 29 14.19 -26.64 17.09
N VAL B 30 12.89 -26.49 17.28
CA VAL B 30 12.14 -25.36 16.79
C VAL B 30 11.57 -24.57 17.96
N VAL B 31 11.62 -23.25 17.81
CA VAL B 31 10.84 -22.37 18.66
C VAL B 31 9.85 -21.58 17.78
N VAL B 32 8.61 -21.49 18.25
CA VAL B 32 7.61 -20.65 17.62
C VAL B 32 7.36 -19.44 18.52
N LEU B 33 7.59 -18.26 17.95
CA LEU B 33 7.37 -17.00 18.67
C LEU B 33 6.06 -16.34 18.23
N GLU B 34 5.08 -16.35 19.14
CA GLU B 34 3.75 -15.83 18.88
C GLU B 34 3.47 -14.53 19.66
N ALA B 35 3.25 -13.44 18.90
CA ALA B 35 2.85 -12.13 19.39
C ALA B 35 1.64 -12.10 20.35
N ARG B 36 0.56 -12.84 20.03
CA ARG B 36 -0.67 -12.86 20.87
C ARG B 36 -0.65 -13.87 22.01
N ASP B 37 -1.72 -13.87 22.80
CA ASP B 37 -1.86 -14.79 23.94
C ASP B 37 -2.53 -16.10 23.52
N ARG B 38 -2.64 -16.27 22.20
CA ARG B 38 -3.19 -17.46 21.54
C ARG B 38 -2.46 -17.78 20.25
N VAL B 39 -2.50 -19.03 19.80
CA VAL B 39 -2.13 -19.29 18.38
C VAL B 39 -3.39 -19.21 17.50
N GLY B 40 -3.23 -19.39 16.19
CA GLY B 40 -4.37 -19.34 15.27
C GLY B 40 -4.26 -18.22 14.24
N GLY B 41 -3.91 -17.01 14.69
CA GLY B 41 -3.85 -15.86 13.78
C GLY B 41 -5.23 -15.56 13.19
N ARG B 42 -5.33 -15.69 11.86
CA ARG B 42 -6.58 -15.41 11.15
C ARG B 42 -7.74 -16.43 11.33
N THR B 43 -7.48 -17.50 12.11
CA THR B 43 -8.51 -18.41 12.53
C THR B 43 -8.71 -18.17 14.01
N TYR B 44 -9.95 -18.34 14.48
CA TYR B 44 -10.24 -18.11 15.88
C TYR B 44 -11.60 -18.73 16.21
N THR B 45 -11.61 -19.72 17.11
CA THR B 45 -12.84 -20.34 17.52
C THR B 45 -13.09 -19.81 18.91
N LEU B 46 -14.18 -19.08 19.05
CA LEU B 46 -14.57 -18.60 20.36
C LEU B 46 -15.48 -19.70 20.91
N ARG B 47 -15.31 -20.09 22.17
CA ARG B 47 -16.23 -21.08 22.78
C ARG B 47 -17.06 -20.52 23.95
N ASN B 48 -18.34 -20.93 24.04
CA ASN B 48 -19.21 -20.49 25.12
C ASN B 48 -20.53 -21.26 25.16
N GLN B 49 -21.23 -21.16 26.25
CA GLN B 49 -22.49 -21.90 26.43
C GLN B 49 -23.50 -21.55 25.31
N LYS B 50 -23.50 -20.28 24.86
CA LYS B 50 -24.54 -19.85 23.93
C LYS B 50 -24.36 -20.40 22.51
N VAL B 51 -23.10 -20.52 22.07
CA VAL B 51 -22.79 -20.97 20.69
C VAL B 51 -22.17 -22.38 20.61
N LYS B 52 -21.86 -22.97 21.80
CA LYS B 52 -20.94 -24.11 21.92
C LYS B 52 -19.53 -23.76 21.42
N TYR B 53 -19.37 -23.69 20.09
CA TYR B 53 -18.14 -23.18 19.45
C TYR B 53 -18.54 -22.37 18.20
N VAL B 54 -17.71 -21.44 17.75
CA VAL B 54 -17.92 -20.72 16.48
C VAL B 54 -16.60 -20.18 15.96
N ASP B 55 -16.38 -20.33 14.66
CA ASP B 55 -15.23 -19.69 13.99
C ASP B 55 -15.57 -18.24 13.71
N LEU B 56 -14.71 -17.32 14.18
CA LEU B 56 -14.84 -15.89 13.95
C LEU B 56 -13.84 -15.40 12.90
N GLY B 57 -12.94 -16.27 12.43
CA GLY B 57 -12.07 -16.01 11.28
C GLY B 57 -12.14 -17.10 10.23
N GLY B 58 -11.00 -17.46 9.63
CA GLY B 58 -10.96 -18.62 8.70
C GLY B 58 -11.74 -19.82 9.24
N SER B 59 -12.50 -20.46 8.33
CA SER B 59 -13.51 -21.47 8.65
C SER B 59 -13.70 -22.56 7.59
N TYR B 60 -14.06 -22.16 6.35
CA TYR B 60 -14.47 -23.10 5.26
C TYR B 60 -13.36 -23.93 4.64
N VAL B 61 -13.62 -25.23 4.36
CA VAL B 61 -12.71 -26.06 3.57
C VAL B 61 -13.53 -26.81 2.50
N GLY B 62 -12.89 -27.14 1.38
CA GLY B 62 -13.60 -27.87 0.32
C GLY B 62 -12.71 -28.77 -0.50
N PRO B 63 -13.23 -29.33 -1.60
CA PRO B 63 -12.43 -30.19 -2.47
C PRO B 63 -11.27 -29.39 -3.00
N THR B 64 -10.14 -30.10 -3.20
CA THR B 64 -8.85 -29.63 -3.75
C THR B 64 -7.96 -28.93 -2.72
N GLN B 65 -8.46 -28.79 -1.51
CA GLN B 65 -7.72 -28.23 -0.40
C GLN B 65 -7.19 -29.42 0.40
N ASN B 66 -6.32 -30.19 -0.24
CA ASN B 66 -5.91 -31.47 0.27
C ASN B 66 -4.85 -31.43 1.39
N ARG B 67 -4.13 -30.31 1.53
CA ARG B 67 -3.12 -30.20 2.56
C ARG B 67 -3.71 -29.83 3.92
N ILE B 68 -4.55 -28.78 3.98
CA ILE B 68 -5.26 -28.51 5.25
C ILE B 68 -6.04 -29.72 5.72
N LEU B 69 -6.57 -30.49 4.77
CA LEU B 69 -7.42 -31.62 5.13
C LEU B 69 -6.58 -32.80 5.66
N ARG B 70 -5.45 -33.08 5.01
CA ARG B 70 -4.47 -34.06 5.53
C ARG B 70 -3.97 -33.68 6.94
N LEU B 71 -3.64 -32.41 7.17
CA LEU B 71 -3.10 -31.96 8.45
C LEU B 71 -4.13 -32.05 9.58
N ALA B 72 -5.33 -31.58 9.31
CA ALA B 72 -6.37 -31.63 10.31
C ALA B 72 -6.83 -33.07 10.60
N LYS B 73 -6.87 -33.95 9.60
CA LYS B 73 -7.17 -35.36 9.85
C LYS B 73 -6.14 -35.99 10.80
N GLU B 74 -4.84 -35.76 10.54
CA GLU B 74 -3.77 -36.25 11.39
C GLU B 74 -3.94 -35.77 12.85
N LEU B 75 -4.39 -34.54 13.01
CA LEU B 75 -4.66 -33.99 14.34
C LEU B 75 -5.97 -34.47 14.99
N GLY B 76 -6.72 -35.32 14.28
CA GLY B 76 -7.93 -35.94 14.85
C GLY B 76 -9.23 -35.17 14.61
N LEU B 77 -9.17 -34.18 13.73
CA LEU B 77 -10.34 -33.34 13.43
C LEU B 77 -11.23 -33.93 12.33
N GLU B 78 -12.53 -33.62 12.39
CA GLU B 78 -13.51 -34.07 11.36
C GLU B 78 -14.14 -32.87 10.68
N THR B 79 -14.52 -33.02 9.40
CA THR B 79 -15.38 -32.03 8.74
C THR B 79 -16.85 -32.50 8.70
N TYR B 80 -17.75 -31.53 8.56
CA TYR B 80 -19.14 -31.71 8.20
C TYR B 80 -19.42 -30.77 7.00
N LYS B 81 -20.43 -31.10 6.22
CA LYS B 81 -20.90 -30.35 5.07
C LYS B 81 -21.87 -29.22 5.44
N VAL B 82 -21.53 -28.02 4.91
CA VAL B 82 -22.28 -26.76 5.02
C VAL B 82 -23.61 -26.97 4.32
N ASN B 83 -24.71 -26.53 4.95
CA ASN B 83 -26.05 -26.95 4.47
C ASN B 83 -26.34 -26.28 3.12
N GLU B 84 -26.68 -27.10 2.14
CA GLU B 84 -27.06 -26.55 0.86
C GLU B 84 -28.06 -27.45 0.22
N VAL B 85 -28.89 -28.10 1.07
CA VAL B 85 -29.94 -28.98 0.65
C VAL B 85 -31.10 -28.22 -0.03
N GLU B 86 -31.47 -27.06 0.50
CA GLU B 86 -32.69 -26.38 0.02
C GLU B 86 -32.31 -25.32 -1.01
N ARG B 87 -33.16 -24.34 -1.29
CA ARG B 87 -32.83 -23.41 -2.41
C ARG B 87 -31.95 -22.22 -1.95
N LEU B 88 -31.16 -21.70 -2.86
CA LEU B 88 -30.42 -20.48 -2.61
C LEU B 88 -31.33 -19.31 -2.95
N ILE B 89 -30.97 -18.12 -2.50
CA ILE B 89 -31.74 -16.91 -2.79
C ILE B 89 -30.85 -15.85 -3.40
N HIS B 90 -31.25 -15.30 -4.55
CA HIS B 90 -30.61 -14.13 -5.12
C HIS B 90 -31.54 -12.97 -4.91
N HIS B 91 -31.12 -11.96 -4.16
CA HIS B 91 -32.01 -10.83 -3.85
C HIS B 91 -31.62 -9.70 -4.78
N VAL B 92 -32.53 -9.38 -5.70
CA VAL B 92 -32.28 -8.46 -6.81
C VAL B 92 -33.31 -7.35 -6.76
N LYS B 93 -32.83 -6.10 -6.80
CA LYS B 93 -33.71 -4.94 -6.75
C LYS B 93 -34.88 -5.13 -5.80
N GLY B 94 -34.58 -5.47 -4.53
CA GLY B 94 -35.59 -5.54 -3.48
C GLY B 94 -36.48 -6.76 -3.44
N LYS B 95 -36.09 -7.79 -4.19
CA LYS B 95 -36.88 -9.03 -4.27
C LYS B 95 -36.02 -10.28 -4.36
N SER B 96 -36.51 -11.31 -3.71
CA SER B 96 -35.80 -12.59 -3.55
C SER B 96 -36.25 -13.58 -4.61
N TYR B 97 -35.28 -14.10 -5.35
CA TYR B 97 -35.51 -15.10 -6.39
C TYR B 97 -34.86 -16.42 -5.99
N PRO B 98 -35.64 -17.39 -5.49
CA PRO B 98 -35.00 -18.65 -5.12
C PRO B 98 -34.49 -19.47 -6.31
N PHE B 99 -33.35 -20.11 -6.15
CA PHE B 99 -32.82 -20.96 -7.20
C PHE B 99 -32.09 -22.15 -6.63
N ARG B 100 -31.93 -23.17 -7.47
CA ARG B 100 -31.13 -24.33 -7.15
C ARG B 100 -29.90 -24.29 -8.02
N GLY B 101 -28.79 -24.79 -7.49
CA GLY B 101 -27.58 -24.95 -8.27
C GLY B 101 -26.56 -23.88 -7.91
N PRO B 102 -25.34 -23.97 -8.47
CA PRO B 102 -24.33 -23.02 -8.05
C PRO B 102 -24.70 -21.59 -8.39
N PHE B 103 -25.20 -21.37 -9.62
CA PHE B 103 -25.18 -20.03 -10.24
C PHE B 103 -26.59 -19.48 -10.28
N PRO B 104 -26.72 -18.21 -9.87
CA PRO B 104 -28.02 -17.57 -9.86
C PRO B 104 -28.45 -17.29 -11.29
N PRO B 105 -29.73 -17.53 -11.60
CA PRO B 105 -30.28 -17.44 -12.97
C PRO B 105 -30.38 -16.00 -13.52
N VAL B 106 -30.21 -15.89 -14.85
CA VAL B 106 -30.26 -14.64 -15.62
C VAL B 106 -31.25 -14.89 -16.79
N TRP B 107 -32.32 -14.10 -16.89
CA TRP B 107 -33.39 -14.40 -17.85
C TRP B 107 -33.34 -13.57 -19.15
N ASN B 108 -32.97 -12.29 -19.05
CA ASN B 108 -32.85 -11.42 -20.21
C ASN B 108 -31.78 -11.97 -21.18
N PRO B 109 -32.08 -12.11 -22.48
CA PRO B 109 -31.15 -12.80 -23.42
C PRO B 109 -29.77 -12.15 -23.50
N ILE B 110 -29.78 -10.83 -23.42
CA ILE B 110 -28.60 -10.03 -23.56
C ILE B 110 -27.74 -10.05 -22.31
N THR B 111 -28.37 -9.81 -21.16
CA THR B 111 -27.76 -10.05 -19.88
C THR B 111 -27.17 -11.45 -19.79
N TYR B 112 -27.88 -12.47 -20.29
CA TYR B 112 -27.34 -13.85 -20.31
C TYR B 112 -26.00 -13.91 -21.04
N LEU B 113 -25.91 -13.31 -22.22
CA LEU B 113 -24.70 -13.41 -23.05
C LEU B 113 -23.51 -12.66 -22.43
N ASP B 114 -23.80 -11.51 -21.86
CA ASP B 114 -22.85 -10.68 -21.10
C ASP B 114 -22.32 -11.37 -19.85
N HIS B 115 -23.21 -11.97 -19.07
CA HIS B 115 -22.83 -12.73 -17.88
C HIS B 115 -21.93 -13.90 -18.26
N ASN B 116 -22.42 -14.72 -19.19
CA ASN B 116 -21.64 -15.85 -19.71
C ASN B 116 -20.23 -15.39 -20.07
N ASN B 117 -20.14 -14.29 -20.80
CA ASN B 117 -18.88 -13.88 -21.36
C ASN B 117 -17.95 -13.41 -20.28
N PHE B 118 -18.54 -12.99 -19.17
CA PHE B 118 -17.66 -12.41 -18.18
C PHE B 118 -16.98 -13.47 -17.36
N TRP B 119 -17.71 -14.48 -16.91
CA TRP B 119 -17.11 -15.53 -16.14
C TRP B 119 -16.16 -16.28 -17.06
N ARG B 120 -16.64 -16.58 -18.27
CA ARG B 120 -15.83 -17.28 -19.24
C ARG B 120 -14.50 -16.62 -19.46
N THR B 121 -14.51 -15.28 -19.46
CA THR B 121 -13.30 -14.47 -19.75
C THR B 121 -12.36 -14.36 -18.56
N MET B 122 -12.91 -14.26 -17.33
CA MET B 122 -12.11 -14.43 -16.12
C MET B 122 -11.20 -15.67 -16.30
N ASP B 123 -11.84 -16.80 -16.59
CA ASP B 123 -11.16 -18.08 -16.65
C ASP B 123 -10.20 -18.17 -17.84
N ASP B 124 -10.60 -17.72 -19.04
CA ASP B 124 -9.70 -17.69 -20.23
C ASP B 124 -8.43 -16.97 -19.90
N MET B 125 -8.59 -15.76 -19.36
CA MET B 125 -7.50 -14.90 -18.97
C MET B 125 -6.51 -15.56 -18.03
N GLY B 126 -7.03 -16.19 -16.98
CA GLY B 126 -6.21 -16.86 -15.99
C GLY B 126 -5.42 -18.05 -16.47
N ARG B 127 -5.92 -18.75 -17.50
CA ARG B 127 -5.16 -19.81 -18.17
C ARG B 127 -3.82 -19.29 -18.70
N GLU B 128 -3.68 -17.97 -18.75
CA GLU B 128 -2.43 -17.44 -19.31
C GLU B 128 -1.48 -16.96 -18.20
N ILE B 129 -1.87 -17.19 -16.95
CA ILE B 129 -1.15 -16.69 -15.81
C ILE B 129 -0.58 -17.91 -15.08
N PRO B 130 0.76 -18.05 -15.07
CA PRO B 130 1.37 -19.12 -14.27
C PRO B 130 1.04 -18.95 -12.78
N SER B 131 0.71 -20.04 -12.10
CA SER B 131 0.35 -19.94 -10.67
C SER B 131 1.54 -19.48 -9.81
N ASP B 132 2.72 -19.96 -10.16
CA ASP B 132 3.91 -19.68 -9.37
C ASP B 132 4.64 -18.41 -9.81
N ALA B 133 4.23 -17.85 -10.96
CA ALA B 133 4.90 -16.65 -11.54
C ALA B 133 3.96 -15.75 -12.39
N PRO B 134 2.93 -15.10 -11.76
CA PRO B 134 1.93 -14.32 -12.50
C PRO B 134 2.59 -13.21 -13.32
N TRP B 135 3.61 -12.58 -12.75
CA TRP B 135 4.37 -11.53 -13.47
C TRP B 135 4.97 -12.01 -14.81
N LYS B 136 4.86 -13.30 -15.07
CA LYS B 136 5.32 -13.94 -16.30
C LYS B 136 4.26 -14.15 -17.41
N ALA B 137 2.98 -13.89 -17.09
CA ALA B 137 1.90 -13.87 -18.08
C ALA B 137 2.30 -13.02 -19.28
N PRO B 138 1.91 -13.41 -20.53
CA PRO B 138 2.34 -12.60 -21.72
C PRO B 138 1.87 -11.14 -21.66
N LEU B 139 0.71 -10.89 -21.05
CA LEU B 139 0.24 -9.51 -20.87
C LEU B 139 0.25 -9.11 -19.40
N ALA B 140 1.31 -9.51 -18.69
CA ALA B 140 1.46 -9.20 -17.28
C ALA B 140 1.27 -7.71 -16.93
N GLU B 141 2.00 -6.85 -17.65
CA GLU B 141 2.09 -5.43 -17.35
C GLU B 141 0.80 -4.73 -17.70
N GLU B 142 0.37 -4.89 -18.95
CA GLU B 142 -0.97 -4.48 -19.34
C GLU B 142 -2.02 -4.75 -18.30
N TRP B 143 -2.13 -5.98 -17.82
CA TRP B 143 -3.15 -6.35 -16.81
C TRP B 143 -2.88 -5.84 -15.42
N ASP B 144 -1.61 -5.64 -15.08
CA ASP B 144 -1.25 -5.15 -13.75
C ASP B 144 -1.46 -3.62 -13.61
N ASN B 145 -1.24 -2.88 -14.71
CA ASN B 145 -1.47 -1.43 -14.81
C ASN B 145 -2.94 -0.95 -14.85
N MET B 146 -3.92 -1.89 -14.73
CA MET B 146 -5.37 -1.65 -14.72
C MET B 146 -5.91 -2.14 -13.35
N THR B 147 -6.91 -1.48 -12.78
CA THR B 147 -7.69 -2.10 -11.69
C THR B 147 -8.70 -3.11 -12.21
N MET B 148 -9.29 -3.91 -11.29
CA MET B 148 -10.40 -4.79 -11.66
C MET B 148 -11.54 -3.94 -12.17
N LYS B 149 -11.61 -2.70 -11.65
CA LYS B 149 -12.68 -1.77 -12.02
C LYS B 149 -12.58 -1.39 -13.48
N GLU B 150 -11.45 -0.87 -13.97
CA GLU B 150 -11.31 -0.68 -15.45
C GLU B 150 -11.59 -1.93 -16.27
N LEU B 151 -11.10 -3.07 -15.83
CA LEU B 151 -11.46 -4.34 -16.45
C LEU B 151 -12.99 -4.61 -16.59
N LEU B 152 -13.72 -4.58 -15.48
CA LEU B 152 -15.14 -4.79 -15.45
C LEU B 152 -15.85 -3.82 -16.36
N ASP B 153 -15.49 -2.54 -16.28
CA ASP B 153 -16.06 -1.51 -17.15
C ASP B 153 -15.81 -1.73 -18.62
N LYS B 154 -14.70 -2.40 -18.95
CA LYS B 154 -14.38 -2.77 -20.36
C LYS B 154 -15.18 -3.99 -20.89
N LEU B 155 -15.34 -4.98 -20.03
CA LEU B 155 -15.93 -6.29 -20.35
C LEU B 155 -17.47 -6.40 -20.26
N CYS B 156 -18.04 -5.76 -19.26
CA CYS B 156 -19.46 -5.88 -19.00
C CYS B 156 -20.19 -4.80 -19.71
N TRP B 157 -20.99 -5.21 -20.69
CA TRP B 157 -21.88 -4.33 -21.40
C TRP B 157 -23.22 -4.11 -20.72
N THR B 158 -23.52 -4.87 -19.66
CA THR B 158 -24.75 -4.70 -18.85
C THR B 158 -24.43 -4.37 -17.39
N GLU B 159 -25.23 -3.48 -16.80
CA GLU B 159 -25.12 -3.15 -15.37
C GLU B 159 -25.31 -4.32 -14.49
N SER B 160 -26.20 -5.22 -14.89
CA SER B 160 -26.46 -6.40 -14.08
C SER B 160 -25.17 -7.24 -13.93
N ALA B 161 -24.45 -7.47 -15.03
CA ALA B 161 -23.26 -8.30 -14.96
C ALA B 161 -22.16 -7.62 -14.18
N LYS B 162 -22.11 -6.30 -14.26
CA LYS B 162 -21.10 -5.52 -13.61
C LYS B 162 -21.33 -5.41 -12.11
N GLN B 163 -22.61 -5.44 -11.68
CA GLN B 163 -22.97 -5.43 -10.27
C GLN B 163 -22.59 -6.78 -9.67
N LEU B 164 -22.94 -7.89 -10.32
CA LEU B 164 -22.66 -9.20 -9.73
C LEU B 164 -21.14 -9.44 -9.71
N ALA B 165 -20.49 -9.08 -10.79
CA ALA B 165 -19.04 -9.21 -10.90
C ALA B 165 -18.33 -8.50 -9.78
N THR B 166 -18.83 -7.32 -9.43
CA THR B 166 -18.32 -6.45 -8.41
C THR B 166 -18.47 -7.07 -7.01
N LEU B 167 -19.66 -7.60 -6.73
CA LEU B 167 -19.93 -8.38 -5.54
C LEU B 167 -18.90 -9.51 -5.47
N PHE B 168 -18.64 -10.14 -6.63
CA PHE B 168 -17.76 -11.32 -6.67
C PHE B 168 -16.35 -10.96 -6.14
N VAL B 169 -15.75 -9.91 -6.73
CA VAL B 169 -14.47 -9.36 -6.27
C VAL B 169 -14.57 -8.99 -4.79
N ASN B 170 -15.65 -8.29 -4.40
CA ASN B 170 -15.76 -7.84 -2.99
C ASN B 170 -15.64 -9.01 -2.04
N LEU B 171 -16.43 -10.05 -2.28
CA LEU B 171 -16.52 -11.23 -1.44
C LEU B 171 -15.27 -12.15 -1.42
N CYS B 172 -14.65 -12.30 -2.57
CA CYS B 172 -13.37 -13.02 -2.76
C CYS B 172 -12.20 -12.41 -1.99
N VAL B 173 -11.94 -11.12 -2.23
CA VAL B 173 -10.72 -10.50 -1.74
C VAL B 173 -10.96 -9.35 -0.74
N THR B 174 -12.15 -9.28 -0.08
CA THR B 174 -12.51 -8.15 0.85
C THR B 174 -12.01 -6.73 0.50
N ALA B 175 -12.16 -6.35 -0.76
CA ALA B 175 -11.52 -5.15 -1.30
C ALA B 175 -12.33 -4.65 -2.49
N GLU B 176 -12.28 -3.33 -2.76
CA GLU B 176 -13.04 -2.73 -3.87
C GLU B 176 -12.38 -3.06 -5.20
N THR B 177 -13.14 -3.00 -6.28
CA THR B 177 -12.63 -3.32 -7.60
C THR B 177 -11.57 -2.34 -8.01
N HIS B 178 -11.71 -1.10 -7.55
CA HIS B 178 -10.82 -0.02 -7.96
C HIS B 178 -9.50 -0.07 -7.10
N GLU B 179 -9.48 -0.89 -6.02
CA GLU B 179 -8.31 -0.95 -5.10
C GLU B 179 -7.24 -1.93 -5.57
N VAL B 180 -7.67 -2.92 -6.36
CA VAL B 180 -6.90 -4.12 -6.67
C VAL B 180 -6.42 -4.22 -8.12
N SER B 181 -5.27 -4.82 -8.31
CA SER B 181 -4.76 -5.13 -9.64
C SER B 181 -5.58 -6.21 -10.33
N ALA B 182 -5.69 -6.04 -11.65
CA ALA B 182 -6.45 -6.95 -12.49
C ALA B 182 -5.70 -8.27 -12.65
N LEU B 183 -4.43 -8.20 -13.08
CA LEU B 183 -3.44 -9.31 -12.99
C LEU B 183 -3.47 -10.10 -11.69
N TRP B 184 -3.31 -9.41 -10.56
CA TRP B 184 -3.33 -10.09 -9.28
C TRP B 184 -4.70 -10.75 -9.06
N PHE B 185 -5.80 -10.07 -9.39
CA PHE B 185 -7.09 -10.70 -9.08
C PHE B 185 -7.33 -11.92 -9.96
N LEU B 186 -6.89 -11.85 -11.23
CA LEU B 186 -7.05 -12.98 -12.13
C LEU B 186 -6.18 -14.18 -11.79
N TRP B 187 -5.00 -13.88 -11.24
CA TRP B 187 -4.10 -14.89 -10.68
C TRP B 187 -4.79 -15.48 -9.47
N TYR B 188 -5.28 -14.62 -8.57
CA TYR B 188 -5.92 -15.14 -7.35
C TYR B 188 -6.97 -16.19 -7.63
N VAL B 189 -7.88 -15.90 -8.57
CA VAL B 189 -8.99 -16.80 -8.94
C VAL B 189 -8.43 -18.07 -9.58
N LYS B 190 -7.51 -17.86 -10.54
CA LYS B 190 -6.85 -18.97 -11.22
C LYS B 190 -6.25 -20.02 -10.26
N GLN B 191 -5.41 -19.59 -9.30
CA GLN B 191 -4.81 -20.47 -8.26
C GLN B 191 -5.80 -21.17 -7.28
N CYS B 192 -7.01 -20.64 -7.14
CA CYS B 192 -8.02 -21.40 -6.39
C CYS B 192 -8.74 -22.44 -7.29
N GLY B 193 -8.29 -22.58 -8.55
CA GLY B 193 -8.89 -23.48 -9.52
C GLY B 193 -10.06 -22.95 -10.37
N GLY B 194 -10.18 -21.63 -10.45
CA GLY B 194 -11.23 -20.97 -11.23
C GLY B 194 -12.46 -20.45 -10.51
N THR B 195 -13.23 -19.63 -11.24
CA THR B 195 -14.47 -19.01 -10.71
C THR B 195 -15.44 -19.98 -10.03
N THR B 196 -15.60 -21.16 -10.62
CA THR B 196 -16.61 -22.12 -10.08
C THR B 196 -16.20 -22.75 -8.76
N ARG B 197 -14.90 -23.06 -8.70
CA ARG B 197 -14.35 -23.74 -7.55
C ARG B 197 -14.37 -22.84 -6.33
N ILE B 198 -14.13 -21.59 -6.62
CA ILE B 198 -13.97 -20.56 -5.62
C ILE B 198 -15.31 -20.12 -5.10
N ILE B 199 -16.33 -20.03 -5.96
CA ILE B 199 -17.59 -19.49 -5.54
C ILE B 199 -18.47 -20.59 -4.90
N SER B 200 -18.14 -21.87 -5.10
CA SER B 200 -19.12 -22.95 -4.90
C SER B 200 -19.10 -23.41 -3.46
N THR B 201 -20.25 -23.95 -3.00
CA THR B 201 -20.32 -24.57 -1.68
C THR B 201 -20.17 -26.10 -1.93
N THR B 202 -21.19 -26.77 -2.46
CA THR B 202 -21.00 -28.10 -3.06
C THR B 202 -19.95 -28.06 -4.17
N ASN B 203 -18.94 -28.91 -4.01
CA ASN B 203 -17.78 -28.98 -4.95
C ASN B 203 -16.90 -27.75 -5.03
N GLY B 204 -16.98 -26.91 -4.00
CA GLY B 204 -16.17 -25.74 -4.00
C GLY B 204 -15.53 -25.51 -2.66
N GLY B 205 -15.01 -24.31 -2.44
CA GLY B 205 -14.25 -23.98 -1.22
C GLY B 205 -15.13 -23.80 0.03
N GLN B 206 -16.42 -23.53 -0.15
CA GLN B 206 -17.32 -23.47 1.09
C GLN B 206 -18.00 -24.75 1.43
N GLU B 207 -17.43 -25.86 1.00
CA GLU B 207 -18.21 -27.11 1.16
C GLU B 207 -18.39 -27.57 2.62
N ARG B 208 -17.34 -27.33 3.40
CA ARG B 208 -17.13 -27.93 4.69
C ARG B 208 -16.54 -27.00 5.73
N LYS B 209 -16.81 -27.31 7.00
CA LYS B 209 -16.18 -26.72 8.18
C LYS B 209 -15.78 -27.86 9.14
N PHE B 210 -14.87 -27.56 10.07
CA PHE B 210 -14.36 -28.53 10.99
C PHE B 210 -15.35 -28.70 12.18
N VAL B 211 -15.61 -29.92 12.58
CA VAL B 211 -16.39 -30.17 13.83
C VAL B 211 -15.57 -29.58 15.00
N GLY B 212 -16.13 -28.59 15.68
CA GLY B 212 -15.44 -28.01 16.84
C GLY B 212 -14.62 -26.77 16.54
N GLY B 213 -14.59 -26.34 15.27
CA GLY B 213 -13.83 -25.17 14.86
C GLY B 213 -12.47 -25.47 14.24
N SER B 214 -12.02 -24.60 13.31
CA SER B 214 -10.67 -24.67 12.74
C SER B 214 -9.53 -24.15 13.67
N GLY B 215 -9.90 -23.53 14.80
CA GLY B 215 -8.90 -23.04 15.76
C GLY B 215 -8.13 -24.18 16.40
N GLN B 216 -8.75 -25.38 16.38
CA GLN B 216 -8.15 -26.63 16.86
C GLN B 216 -6.93 -27.10 16.05
N VAL B 217 -6.84 -26.72 14.79
CA VAL B 217 -5.64 -27.02 13.97
C VAL B 217 -4.38 -26.44 14.65
N SER B 218 -4.40 -25.13 14.88
CA SER B 218 -3.33 -24.45 15.56
C SER B 218 -3.20 -24.81 17.05
N GLU B 219 -4.32 -24.89 17.76
CA GLU B 219 -4.33 -25.31 19.19
C GLU B 219 -3.66 -26.65 19.42
N ARG B 220 -4.00 -27.62 18.57
CA ARG B 220 -3.47 -29.00 18.71
C ARG B 220 -2.03 -29.17 18.30
N ILE B 221 -1.55 -28.40 17.30
CA ILE B 221 -0.10 -28.38 16.99
C ILE B 221 0.73 -27.80 18.17
N MET B 222 0.29 -26.67 18.72
CA MET B 222 0.83 -26.16 19.98
C MET B 222 0.78 -27.20 21.13
N ASP B 223 -0.28 -28.00 21.23
CA ASP B 223 -0.26 -29.15 22.18
C ASP B 223 0.96 -30.06 21.95
N LEU B 224 1.14 -30.48 20.70
CA LEU B 224 2.27 -31.32 20.27
C LEU B 224 3.62 -30.69 20.53
N LEU B 225 3.73 -29.37 20.32
CA LEU B 225 5.01 -28.67 20.50
C LEU B 225 5.28 -28.32 21.98
N GLY B 226 4.18 -28.20 22.74
CA GLY B 226 4.24 -27.92 24.19
C GLY B 226 4.83 -26.55 24.47
N ASP B 227 5.87 -26.56 25.29
CA ASP B 227 6.59 -25.35 25.64
C ASP B 227 7.54 -24.76 24.56
N ARG B 228 7.61 -25.34 23.36
CA ARG B 228 8.36 -24.75 22.23
C ARG B 228 7.64 -23.54 21.63
N VAL B 229 6.32 -23.49 21.82
CA VAL B 229 5.52 -22.36 21.45
C VAL B 229 5.56 -21.31 22.55
N LYS B 230 6.02 -20.11 22.19
CA LYS B 230 6.12 -19.03 23.15
C LYS B 230 5.07 -17.96 22.86
N LEU B 231 4.14 -17.79 23.80
CA LEU B 231 3.01 -16.88 23.60
C LEU B 231 3.33 -15.49 24.12
N GLU B 232 2.70 -14.47 23.53
CA GLU B 232 3.01 -13.07 23.85
C GLU B 232 4.53 -12.75 23.73
N ARG B 233 5.15 -13.22 22.65
CA ARG B 233 6.51 -12.90 22.24
C ARG B 233 6.57 -12.18 20.86
N PRO B 234 6.09 -10.92 20.80
CA PRO B 234 6.14 -10.28 19.49
C PRO B 234 7.57 -10.06 19.09
N VAL B 235 7.94 -10.50 17.87
CA VAL B 235 9.29 -10.28 17.37
C VAL B 235 9.42 -8.83 16.93
N ILE B 236 10.51 -8.20 17.39
CA ILE B 236 10.85 -6.80 17.14
C ILE B 236 12.15 -6.58 16.35
N TYR B 237 13.03 -7.58 16.30
CA TYR B 237 14.40 -7.36 15.84
C TYR B 237 15.01 -8.66 15.28
N ILE B 238 15.64 -8.58 14.11
CA ILE B 238 16.37 -9.71 13.53
C ILE B 238 17.76 -9.28 13.07
N ASP B 239 18.78 -9.96 13.58
CA ASP B 239 20.18 -9.65 13.26
C ASP B 239 20.86 -10.83 12.56
N GLN B 240 21.27 -10.63 11.31
CA GLN B 240 21.96 -11.69 10.56
C GLN B 240 23.41 -11.33 10.22
N THR B 241 24.02 -10.45 11.02
CA THR B 241 25.40 -10.02 10.79
C THR B 241 26.40 -11.04 11.34
N ARG B 242 25.94 -11.84 12.31
CA ARG B 242 26.78 -12.81 13.01
C ARG B 242 26.55 -14.27 12.55
N GLU B 243 27.40 -15.16 13.06
CA GLU B 243 27.42 -16.60 12.72
C GLU B 243 26.07 -17.32 12.87
N ASN B 244 25.43 -17.12 14.01
CA ASN B 244 24.06 -17.56 14.23
C ASN B 244 23.10 -16.38 14.10
N VAL B 245 21.85 -16.63 13.71
CA VAL B 245 20.85 -15.56 13.59
C VAL B 245 20.27 -15.22 14.98
N LEU B 246 20.17 -13.91 15.27
CA LEU B 246 19.60 -13.44 16.52
C LEU B 246 18.20 -12.88 16.31
N VAL B 247 17.26 -13.32 17.15
CA VAL B 247 15.89 -12.84 17.08
C VAL B 247 15.38 -12.37 18.45
N GLU B 248 15.11 -11.07 18.56
CA GLU B 248 14.69 -10.46 19.82
C GLU B 248 13.17 -10.25 19.87
N THR B 249 12.56 -10.56 21.03
CA THR B 249 11.16 -10.27 21.27
C THR B 249 10.97 -8.97 22.04
N LEU B 250 9.74 -8.50 22.06
CA LEU B 250 9.35 -7.27 22.77
C LEU B 250 9.57 -7.32 24.28
N ASN B 251 9.36 -8.50 24.88
CA ASN B 251 9.66 -8.69 26.32
C ASN B 251 11.14 -9.01 26.59
N HIS B 252 12.00 -8.61 25.64
CA HIS B 252 13.45 -8.51 25.78
C HIS B 252 14.27 -9.80 25.62
N GLU B 253 13.58 -10.94 25.48
CA GLU B 253 14.20 -12.26 25.28
C GLU B 253 14.90 -12.37 23.96
N MET B 254 16.00 -13.12 23.94
CA MET B 254 16.83 -13.24 22.76
C MET B 254 16.86 -14.70 22.34
N TYR B 255 16.72 -14.96 21.04
CA TYR B 255 16.73 -16.31 20.49
C TYR B 255 17.80 -16.38 19.43
N GLU B 256 18.42 -17.54 19.32
CA GLU B 256 19.55 -17.72 18.44
C GLU B 256 19.28 -18.98 17.66
N ALA B 257 19.40 -18.90 16.34
CA ALA B 257 19.10 -20.03 15.47
C ALA B 257 20.02 -20.06 14.28
N LYS B 258 20.09 -21.20 13.63
CA LYS B 258 20.72 -21.35 12.34
C LYS B 258 19.91 -20.61 11.29
N TYR B 259 18.57 -20.79 11.30
CA TYR B 259 17.65 -20.17 10.29
C TYR B 259 16.32 -19.66 10.87
N VAL B 260 15.65 -18.79 10.10
CA VAL B 260 14.37 -18.24 10.52
C VAL B 260 13.30 -18.40 9.44
N ILE B 261 12.10 -18.75 9.87
CA ILE B 261 10.94 -18.72 9.01
C ILE B 261 10.07 -17.54 9.46
N SER B 262 9.82 -16.62 8.54
CA SER B 262 8.84 -15.56 8.77
C SER B 262 7.48 -16.03 8.27
N ALA B 263 6.57 -16.31 9.21
CA ALA B 263 5.25 -16.88 8.91
C ALA B 263 4.08 -15.94 9.21
N ILE B 264 4.22 -14.70 8.78
CA ILE B 264 3.34 -13.61 9.15
C ILE B 264 2.95 -12.92 7.82
N PRO B 265 1.82 -12.17 7.82
CA PRO B 265 1.48 -11.38 6.62
C PRO B 265 2.64 -10.50 6.22
N PRO B 266 2.99 -10.46 4.91
CA PRO B 266 4.14 -9.70 4.35
C PRO B 266 4.28 -8.28 4.90
N THR B 267 3.18 -7.52 4.92
CA THR B 267 3.25 -6.17 5.48
C THR B 267 3.66 -6.15 6.97
N LEU B 268 3.28 -7.19 7.77
CA LEU B 268 3.61 -7.19 9.20
C LEU B 268 5.11 -7.38 9.49
N GLY B 269 5.91 -7.56 8.44
CA GLY B 269 7.34 -7.50 8.56
C GLY B 269 7.88 -6.09 8.80
N MET B 270 7.06 -5.09 8.47
CA MET B 270 7.33 -3.72 8.91
C MET B 270 7.58 -3.61 10.40
N LYS B 271 6.93 -4.44 11.20
CA LYS B 271 7.02 -4.38 12.67
C LYS B 271 8.34 -4.89 13.26
N ILE B 272 9.26 -5.29 12.38
CA ILE B 272 10.52 -5.88 12.76
C ILE B 272 11.65 -5.02 12.20
N HIS B 273 12.62 -4.67 13.06
CA HIS B 273 13.78 -3.88 12.67
C HIS B 273 14.91 -4.86 12.32
N PHE B 274 15.52 -4.66 11.16
CA PHE B 274 16.42 -5.64 10.59
C PHE B 274 17.82 -5.07 10.60
N ASN B 275 18.79 -5.93 10.87
CA ASN B 275 20.20 -5.64 10.69
C ASN B 275 20.76 -6.92 10.07
N PRO B 276 21.39 -6.81 8.87
CA PRO B 276 21.50 -5.56 8.13
C PRO B 276 20.11 -5.12 7.66
N PRO B 277 19.97 -3.89 7.13
CA PRO B 277 18.66 -3.53 6.59
C PRO B 277 18.30 -4.51 5.48
N LEU B 278 17.00 -4.78 5.30
CA LEU B 278 16.52 -5.58 4.17
C LEU B 278 17.06 -5.09 2.84
N PRO B 279 17.20 -6.00 1.86
CA PRO B 279 17.54 -5.43 0.58
C PRO B 279 16.37 -4.60 0.04
N MET B 280 16.70 -3.79 -0.95
CA MET B 280 15.89 -2.72 -1.48
C MET B 280 14.49 -3.06 -1.90
N MET B 281 14.31 -4.18 -2.60
CA MET B 281 13.05 -4.49 -3.18
C MET B 281 12.09 -5.05 -2.11
N ARG B 282 12.61 -5.84 -1.17
CA ARG B 282 11.83 -6.23 0.02
C ARG B 282 11.59 -5.03 0.91
N ASN B 283 12.62 -4.24 1.23
CA ASN B 283 12.38 -3.03 2.01
C ASN B 283 11.12 -2.26 1.54
N GLN B 284 11.02 -2.07 0.23
CA GLN B 284 9.86 -1.39 -0.32
C GLN B 284 8.62 -2.22 -0.57
N MET B 285 8.77 -3.48 -0.96
CA MET B 285 7.60 -4.39 -1.11
C MET B 285 6.67 -4.37 0.09
N ILE B 286 7.21 -4.43 1.32
CA ILE B 286 6.36 -4.67 2.53
C ILE B 286 5.50 -3.47 2.99
N THR B 287 5.66 -2.35 2.28
CA THR B 287 4.89 -1.13 2.48
C THR B 287 3.89 -0.95 1.35
N ARG B 288 3.67 -2.02 0.58
CA ARG B 288 2.83 -1.95 -0.66
C ARG B 288 1.72 -2.97 -0.73
N VAL B 289 1.57 -3.77 0.32
CA VAL B 289 0.78 -4.98 0.28
C VAL B 289 -0.29 -5.14 1.39
N PRO B 290 -1.32 -4.28 1.34
CA PRO B 290 -2.29 -4.26 2.43
C PRO B 290 -3.15 -5.49 2.48
N LEU B 291 -3.94 -5.62 3.56
CA LEU B 291 -4.94 -6.72 3.71
C LEU B 291 -6.36 -6.13 3.72
N GLY B 292 -7.37 -6.92 3.43
CA GLY B 292 -8.67 -6.33 3.20
C GLY B 292 -9.35 -6.04 4.53
N SER B 293 -10.59 -5.61 4.42
CA SER B 293 -11.35 -5.25 5.55
C SER B 293 -12.62 -6.08 5.59
N VAL B 294 -12.89 -6.67 6.76
CA VAL B 294 -14.08 -7.45 6.96
C VAL B 294 -14.46 -7.52 8.46
N ILE B 295 -15.75 -7.69 8.74
CA ILE B 295 -16.30 -8.13 10.05
C ILE B 295 -17.08 -9.36 9.70
N LYS B 296 -16.86 -10.46 10.43
CA LYS B 296 -17.62 -11.66 10.25
C LYS B 296 -18.71 -11.69 11.33
N CYS B 297 -19.95 -11.79 10.88
CA CYS B 297 -21.08 -11.70 11.79
C CYS B 297 -21.90 -12.98 11.77
N ILE B 298 -22.31 -13.44 12.96
CA ILE B 298 -23.11 -14.66 13.15
C ILE B 298 -24.33 -14.43 14.05
N VAL B 299 -25.55 -14.56 13.51
CA VAL B 299 -26.77 -14.28 14.27
C VAL B 299 -27.36 -15.62 14.56
N TYR B 300 -27.79 -15.86 15.82
CA TYR B 300 -28.36 -17.13 16.27
C TYR B 300 -29.88 -17.05 16.52
N TYR B 301 -30.54 -18.19 16.35
CA TYR B 301 -31.98 -18.27 16.39
C TYR B 301 -32.33 -19.60 17.02
N LYS B 302 -33.59 -19.74 17.45
CA LYS B 302 -34.08 -20.94 18.14
C LYS B 302 -34.03 -22.17 17.27
N GLU B 303 -34.43 -22.00 15.99
CA GLU B 303 -34.51 -23.09 15.02
C GLU B 303 -34.01 -22.53 13.70
N PRO B 304 -33.46 -23.38 12.80
CA PRO B 304 -33.13 -22.96 11.43
C PRO B 304 -34.40 -22.80 10.57
N PHE B 305 -35.26 -21.84 10.96
CA PHE B 305 -36.61 -21.60 10.39
C PHE B 305 -36.61 -21.47 8.85
N TRP B 306 -35.50 -21.02 8.27
CA TRP B 306 -35.43 -20.86 6.78
C TRP B 306 -35.64 -22.17 6.03
N ARG B 307 -35.31 -23.29 6.67
CA ARG B 307 -35.44 -24.59 6.02
C ARG B 307 -36.88 -25.03 5.82
N LYS B 308 -37.78 -24.63 6.73
CA LYS B 308 -39.21 -24.76 6.55
C LYS B 308 -39.77 -24.15 5.27
N LYS B 309 -39.15 -23.08 4.77
CA LYS B 309 -39.53 -22.37 3.55
C LYS B 309 -38.75 -22.90 2.33
N ASP B 310 -37.92 -23.90 2.57
CA ASP B 310 -37.14 -24.59 1.55
C ASP B 310 -36.06 -23.60 1.06
N TYR B 311 -35.31 -23.01 2.00
CA TYR B 311 -34.15 -22.14 1.80
C TYR B 311 -33.04 -22.72 2.63
N CYS B 312 -31.83 -22.78 2.07
CA CYS B 312 -30.71 -23.37 2.82
C CYS B 312 -30.08 -22.39 3.76
N GLY B 313 -30.21 -21.10 3.45
CA GLY B 313 -29.65 -20.06 4.27
C GLY B 313 -28.64 -19.25 3.50
N THR B 314 -28.37 -19.64 2.25
CA THR B 314 -27.46 -18.94 1.38
C THR B 314 -28.24 -17.86 0.67
N MET B 315 -27.83 -16.62 0.89
CA MET B 315 -28.47 -15.48 0.26
C MET B 315 -27.37 -14.77 -0.51
N ILE B 316 -27.65 -14.39 -1.76
CA ILE B 316 -26.77 -13.48 -2.54
C ILE B 316 -27.54 -12.17 -2.68
N ILE B 317 -26.98 -11.09 -2.12
CA ILE B 317 -27.72 -9.85 -1.92
C ILE B 317 -27.12 -8.70 -2.68
N ASP B 318 -27.74 -8.33 -3.80
CA ASP B 318 -27.29 -7.13 -4.57
C ASP B 318 -27.55 -5.81 -3.82
N GLY B 319 -26.78 -4.75 -4.15
CA GLY B 319 -27.08 -3.37 -3.68
C GLY B 319 -26.13 -2.75 -2.64
N GLU B 320 -26.13 -1.41 -2.56
CA GLU B 320 -25.38 -0.66 -1.55
C GLU B 320 -26.02 -0.70 -0.15
N GLU B 321 -27.34 -0.64 -0.10
CA GLU B 321 -28.07 -0.56 1.14
C GLU B 321 -27.76 -1.78 2.05
N ALA B 322 -27.59 -2.96 1.45
CA ALA B 322 -27.25 -4.21 2.19
C ALA B 322 -25.94 -4.25 3.02
N PRO B 323 -26.04 -4.41 4.36
CA PRO B 323 -24.80 -4.49 5.19
C PRO B 323 -23.89 -5.63 4.75
N VAL B 324 -24.54 -6.69 4.26
CA VAL B 324 -23.95 -8.00 3.95
C VAL B 324 -24.35 -8.39 2.52
N ALA B 325 -23.40 -8.80 1.68
CA ALA B 325 -23.77 -9.26 0.34
C ALA B 325 -24.05 -10.78 0.19
N TYR B 326 -23.66 -11.57 1.19
CA TYR B 326 -23.62 -13.05 1.09
C TYR B 326 -23.75 -13.68 2.46
N THR B 327 -24.55 -14.74 2.56
CA THR B 327 -24.70 -15.45 3.82
C THR B 327 -24.65 -16.98 3.61
N LEU B 328 -24.42 -17.72 4.71
CA LEU B 328 -24.49 -19.16 4.73
C LEU B 328 -25.08 -19.66 6.02
N ASP B 329 -25.81 -20.78 5.95
CA ASP B 329 -26.28 -21.49 7.13
C ASP B 329 -25.07 -21.82 8.00
N ASP B 330 -25.11 -21.42 9.28
CA ASP B 330 -23.98 -21.74 10.16
C ASP B 330 -24.41 -22.67 11.25
N THR B 331 -25.50 -23.44 11.02
CA THR B 331 -26.02 -24.32 12.06
C THR B 331 -25.05 -25.49 12.24
N LYS B 332 -25.18 -26.24 13.36
CA LYS B 332 -24.19 -27.26 13.63
C LYS B 332 -24.71 -28.50 12.90
N PRO B 333 -23.81 -29.45 12.58
CA PRO B 333 -24.30 -30.66 11.91
C PRO B 333 -25.46 -31.31 12.68
N GLU B 334 -25.45 -31.17 14.01
CA GLU B 334 -26.50 -31.73 14.87
C GLU B 334 -27.91 -31.11 14.71
N GLY B 335 -27.96 -29.97 14.02
CA GLY B 335 -29.21 -29.21 13.79
C GLY B 335 -29.58 -28.18 14.85
N ASN B 336 -28.73 -28.02 15.89
CA ASN B 336 -28.92 -27.00 16.92
C ASN B 336 -27.95 -25.83 16.79
N TYR B 337 -28.08 -24.84 17.69
CA TYR B 337 -27.41 -23.53 17.51
C TYR B 337 -27.60 -23.02 16.09
N ALA B 338 -28.86 -23.08 15.61
CA ALA B 338 -29.26 -22.42 14.37
C ALA B 338 -28.59 -21.04 14.28
N ALA B 339 -28.03 -20.70 13.13
CA ALA B 339 -27.30 -19.45 12.91
C ALA B 339 -27.18 -19.18 11.42
N ILE B 340 -27.02 -17.88 11.09
CA ILE B 340 -26.68 -17.37 9.75
C ILE B 340 -25.41 -16.53 9.89
N MET B 341 -24.43 -16.81 9.03
CA MET B 341 -23.15 -16.14 9.00
C MET B 341 -23.14 -15.20 7.80
N GLY B 342 -22.80 -13.94 8.01
CA GLY B 342 -22.55 -12.96 6.93
C GLY B 342 -21.21 -12.24 7.09
N PHE B 343 -20.75 -11.61 6.02
CA PHE B 343 -19.49 -10.86 6.02
C PHE B 343 -19.77 -9.41 5.73
N ILE B 344 -19.29 -8.49 6.55
CA ILE B 344 -19.41 -7.09 6.17
C ILE B 344 -18.05 -6.67 5.57
N LEU B 345 -18.01 -6.27 4.30
CA LEU B 345 -16.81 -6.28 3.41
C LEU B 345 -16.37 -4.91 2.99
N ALA B 346 -15.05 -4.68 2.93
CA ALA B 346 -14.52 -3.52 2.22
C ALA B 346 -15.11 -2.22 2.77
N HIS B 347 -15.68 -1.34 1.95
CA HIS B 347 -16.04 0.00 2.46
C HIS B 347 -17.14 -0.10 3.53
N LYS B 348 -17.94 -1.15 3.47
CA LYS B 348 -19.03 -1.31 4.42
C LYS B 348 -18.49 -1.72 5.76
N ALA B 349 -17.33 -2.40 5.77
CA ALA B 349 -16.68 -2.71 7.05
C ALA B 349 -16.22 -1.43 7.73
N ARG B 350 -15.61 -0.57 6.95
CA ARG B 350 -15.09 0.75 7.36
C ARG B 350 -16.23 1.66 7.84
N LYS B 351 -17.31 1.69 7.06
CA LYS B 351 -18.52 2.44 7.40
C LYS B 351 -19.29 1.91 8.61
N LEU B 352 -19.56 0.61 8.69
CA LEU B 352 -20.45 0.08 9.75
C LEU B 352 -19.77 -0.21 11.05
N ALA B 353 -18.45 -0.15 11.03
CA ALA B 353 -17.61 -0.25 12.23
C ALA B 353 -17.99 0.82 13.24
N ARG B 354 -18.27 2.03 12.74
CA ARG B 354 -18.72 3.18 13.53
C ARG B 354 -19.93 2.96 14.43
N LEU B 355 -20.72 1.91 14.17
CA LEU B 355 -21.91 1.59 14.95
C LEU B 355 -21.53 0.72 16.12
N THR B 356 -22.51 0.48 17.00
CA THR B 356 -22.35 -0.44 18.10
C THR B 356 -22.68 -1.86 17.66
N LYS B 357 -22.29 -2.82 18.49
CA LYS B 357 -22.62 -4.22 18.26
C LYS B 357 -24.12 -4.38 18.07
N GLU B 358 -24.91 -3.73 18.93
CA GLU B 358 -26.38 -3.88 18.90
C GLU B 358 -26.98 -3.27 17.60
N GLU B 359 -26.42 -2.13 17.17
CA GLU B 359 -26.82 -1.50 15.91
C GLU B 359 -26.56 -2.40 14.71
N ARG B 360 -25.44 -3.10 14.71
CA ARG B 360 -25.13 -3.98 13.60
C ARG B 360 -26.04 -5.19 13.59
N LEU B 361 -26.33 -5.75 14.77
CA LEU B 361 -27.25 -6.88 14.87
C LEU B 361 -28.59 -6.55 14.22
N LYS B 362 -29.21 -5.45 14.67
CA LYS B 362 -30.53 -5.01 14.21
C LYS B 362 -30.53 -4.90 12.69
N LYS B 363 -29.50 -4.28 12.14
CA LYS B 363 -29.37 -4.18 10.70
C LYS B 363 -29.35 -5.51 9.98
N LEU B 364 -28.62 -6.48 10.54
CA LEU B 364 -28.57 -7.81 9.92
C LEU B 364 -29.92 -8.52 10.03
N CYS B 365 -30.51 -8.48 11.22
CA CYS B 365 -31.82 -9.09 11.43
C CYS B 365 -32.90 -8.54 10.49
N GLU B 366 -33.05 -7.22 10.41
CA GLU B 366 -33.94 -6.61 9.45
C GLU B 366 -33.65 -6.95 7.95
N LEU B 367 -32.40 -7.09 7.59
CA LEU B 367 -32.10 -7.46 6.17
C LEU B 367 -32.52 -8.91 5.97
N TYR B 368 -32.04 -9.78 6.83
CA TYR B 368 -32.34 -11.17 6.70
C TYR B 368 -33.86 -11.40 6.78
N ALA B 369 -34.61 -10.63 7.62
CA ALA B 369 -36.08 -10.80 7.65
C ALA B 369 -36.70 -10.50 6.30
N LYS B 370 -36.11 -9.53 5.57
CA LYS B 370 -36.52 -9.16 4.23
C LYS B 370 -36.14 -10.21 3.18
N VAL B 371 -34.89 -10.61 3.16
CA VAL B 371 -34.44 -11.50 2.09
C VAL B 371 -35.09 -12.90 2.20
N LEU B 372 -35.29 -13.35 3.44
CA LEU B 372 -35.95 -14.63 3.73
C LEU B 372 -37.47 -14.59 3.80
N GLY B 373 -38.05 -13.38 3.90
CA GLY B 373 -39.48 -13.26 4.04
C GLY B 373 -39.96 -13.81 5.37
N SER B 374 -39.21 -13.58 6.45
CA SER B 374 -39.52 -14.20 7.74
C SER B 374 -39.38 -13.29 8.96
N LEU B 375 -40.44 -13.12 9.73
CA LEU B 375 -40.40 -12.28 10.93
C LEU B 375 -39.56 -12.89 12.04
N GLU B 376 -39.35 -14.20 11.93
CA GLU B 376 -38.54 -14.98 12.82
C GLU B 376 -37.08 -14.51 12.79
N ALA B 377 -36.66 -13.90 11.70
CA ALA B 377 -35.30 -13.34 11.62
C ALA B 377 -35.08 -12.16 12.55
N LEU B 378 -36.16 -11.58 13.05
CA LEU B 378 -36.08 -10.35 13.81
C LEU B 378 -35.99 -10.75 15.24
N GLU B 379 -35.74 -12.02 15.51
CA GLU B 379 -35.95 -12.50 16.92
C GLU B 379 -34.81 -13.39 17.41
N PRO B 380 -33.55 -12.90 17.30
CA PRO B 380 -32.36 -13.76 17.53
C PRO B 380 -32.14 -14.01 19.01
N VAL B 381 -31.42 -15.08 19.34
CA VAL B 381 -31.22 -15.47 20.76
C VAL B 381 -29.77 -15.06 21.22
N HIS B 382 -28.88 -14.87 20.23
CA HIS B 382 -27.48 -14.58 20.50
C HIS B 382 -26.84 -13.98 19.25
N TYR B 383 -25.68 -13.33 19.38
CA TYR B 383 -24.96 -12.73 18.23
C TYR B 383 -23.47 -12.68 18.55
N GLU B 384 -22.63 -13.04 17.58
CA GLU B 384 -21.18 -12.88 17.75
C GLU B 384 -20.57 -12.27 16.51
N GLU B 385 -19.50 -11.47 16.67
CA GLU B 385 -18.87 -10.82 15.52
C GLU B 385 -17.37 -10.55 15.73
N LYS B 386 -16.61 -10.49 14.64
CA LYS B 386 -15.24 -10.06 14.72
C LYS B 386 -14.81 -9.18 13.57
N ASN B 387 -14.27 -8.04 13.96
CA ASN B 387 -13.80 -7.06 13.04
C ASN B 387 -12.28 -7.22 12.93
N TRP B 388 -11.81 -7.76 11.82
CA TRP B 388 -10.40 -8.09 11.64
C TRP B 388 -9.54 -6.91 11.24
N CYS B 389 -10.20 -5.77 11.03
CA CYS B 389 -9.51 -4.51 10.72
C CYS B 389 -8.80 -3.98 11.93
N GLU B 390 -9.26 -4.41 13.12
CA GLU B 390 -8.72 -3.87 14.34
C GLU B 390 -7.46 -4.55 14.90
N GLU B 391 -7.10 -5.68 14.30
CA GLU B 391 -6.04 -6.54 14.74
C GLU B 391 -4.65 -6.05 14.34
N GLN B 392 -3.87 -5.59 15.33
CA GLN B 392 -2.48 -5.12 15.11
C GLN B 392 -1.52 -6.16 14.46
N TYR B 393 -1.80 -7.43 14.68
CA TYR B 393 -0.98 -8.58 14.25
C TYR B 393 -1.65 -9.50 13.17
N SER B 394 -2.74 -9.03 12.56
CA SER B 394 -3.21 -9.48 11.27
C SER B 394 -3.14 -8.35 10.19
N GLY B 395 -3.57 -7.14 10.54
CA GLY B 395 -3.69 -6.01 9.58
C GLY B 395 -5.00 -5.98 8.78
N GLY B 396 -5.85 -6.98 9.00
CA GLY B 396 -7.10 -7.21 8.27
C GLY B 396 -7.31 -8.68 8.01
N CYS B 397 -8.32 -8.97 7.15
CA CYS B 397 -8.63 -10.29 6.59
C CYS B 397 -9.35 -10.10 5.26
N TYR B 398 -9.65 -11.19 4.50
CA TYR B 398 -9.08 -12.53 4.62
C TYR B 398 -7.56 -12.55 4.45
N THR B 399 -7.06 -11.75 3.51
CA THR B 399 -5.68 -11.82 3.05
C THR B 399 -5.17 -10.53 2.42
N THR B 400 -3.93 -10.59 1.93
CA THR B 400 -3.20 -9.49 1.37
C THR B 400 -3.60 -9.33 -0.09
N TYR B 401 -3.90 -8.10 -0.53
CA TYR B 401 -4.25 -7.85 -1.93
C TYR B 401 -3.16 -6.99 -2.58
N PHE B 402 -3.02 -7.09 -3.90
CA PHE B 402 -2.04 -6.23 -4.63
C PHE B 402 -2.70 -5.10 -5.43
N PRO B 403 -2.39 -3.82 -5.08
CA PRO B 403 -2.86 -2.69 -5.85
C PRO B 403 -2.14 -2.60 -7.20
N PRO B 404 -2.67 -1.81 -8.13
CA PRO B 404 -2.06 -1.83 -9.46
C PRO B 404 -0.56 -1.40 -9.58
N GLY B 405 0.20 -2.17 -10.36
CA GLY B 405 1.64 -1.97 -10.60
C GLY B 405 2.61 -2.69 -9.67
N ILE B 406 2.09 -3.32 -8.63
CA ILE B 406 2.90 -3.89 -7.55
C ILE B 406 3.33 -5.34 -7.81
N LEU B 407 2.40 -6.16 -8.28
CA LEU B 407 2.70 -7.58 -8.47
C LEU B 407 3.79 -7.83 -9.52
N THR B 408 3.90 -6.96 -10.53
CA THR B 408 4.93 -7.10 -11.58
C THR B 408 6.27 -6.46 -11.22
N GLN B 409 6.24 -5.46 -10.35
CA GLN B 409 7.47 -4.80 -9.95
C GLN B 409 8.09 -5.43 -8.72
N TYR B 410 7.28 -6.11 -7.91
CA TYR B 410 7.74 -6.55 -6.59
C TYR B 410 7.41 -7.98 -6.30
N GLY B 411 6.60 -8.62 -7.13
CA GLY B 411 5.99 -9.90 -6.76
C GLY B 411 6.91 -11.09 -6.63
N ARG B 412 8.04 -11.08 -7.35
CA ARG B 412 9.06 -12.15 -7.26
C ARG B 412 9.81 -12.18 -5.91
N VAL B 413 9.86 -11.02 -5.27
CA VAL B 413 10.49 -10.78 -3.97
C VAL B 413 9.76 -11.49 -2.79
N LEU B 414 8.49 -11.86 -2.97
CA LEU B 414 7.66 -12.31 -1.86
C LEU B 414 8.23 -13.48 -1.05
N ARG B 415 8.69 -14.51 -1.75
CA ARG B 415 9.26 -15.68 -1.08
C ARG B 415 10.74 -15.89 -1.37
N GLN B 416 11.41 -14.83 -1.84
CA GLN B 416 12.86 -14.87 -1.98
C GLN B 416 13.38 -14.83 -0.55
N PRO B 417 14.28 -15.79 -0.20
CA PRO B 417 14.97 -15.78 1.10
C PRO B 417 15.87 -14.55 1.24
N VAL B 418 15.91 -14.02 2.45
CA VAL B 418 16.87 -12.96 2.73
C VAL B 418 17.97 -13.53 3.61
N ASP B 419 19.05 -14.00 2.95
CA ASP B 419 20.15 -14.67 3.66
C ASP B 419 19.67 -15.95 4.36
N ARG B 420 19.40 -15.89 5.66
CA ARG B 420 18.92 -17.06 6.40
C ARG B 420 17.43 -17.01 6.83
N ILE B 421 16.71 -15.99 6.36
CA ILE B 421 15.26 -15.92 6.59
C ILE B 421 14.51 -16.46 5.36
N TYR B 422 13.54 -17.35 5.65
CA TYR B 422 12.67 -17.92 4.62
C TYR B 422 11.26 -17.48 4.90
N PHE B 423 10.47 -17.35 3.85
CA PHE B 423 9.12 -16.77 4.01
C PHE B 423 8.00 -17.73 3.78
N ALA B 424 7.19 -17.95 4.82
CA ALA B 424 6.00 -18.80 4.79
C ALA B 424 4.73 -17.94 4.78
N GLY B 425 3.60 -18.40 5.36
CA GLY B 425 2.40 -17.57 5.38
C GLY B 425 1.66 -17.74 4.07
N THR B 426 0.33 -17.75 4.15
CA THR B 426 -0.53 -18.06 2.97
C THR B 426 -0.21 -17.20 1.70
N GLU B 427 0.20 -15.96 1.89
CA GLU B 427 0.46 -15.05 0.78
C GLU B 427 1.52 -15.51 -0.23
N THR B 428 2.40 -16.41 0.22
CA THR B 428 3.49 -17.01 -0.57
C THR B 428 3.10 -18.36 -1.21
N ALA B 429 1.89 -18.84 -0.97
CA ALA B 429 1.43 -20.11 -1.56
C ALA B 429 1.17 -19.97 -3.07
N THR B 430 1.10 -21.09 -3.80
CA THR B 430 0.79 -21.07 -5.23
C THR B 430 -0.56 -21.72 -5.62
N HIS B 431 -1.29 -22.28 -4.65
CA HIS B 431 -2.56 -22.95 -4.84
C HIS B 431 -3.35 -22.62 -3.58
N TRP B 432 -4.49 -21.94 -3.75
CA TRP B 432 -5.33 -21.47 -2.63
C TRP B 432 -4.57 -20.55 -1.66
N SER B 433 -3.60 -19.81 -2.19
CA SER B 433 -3.06 -18.65 -1.45
C SER B 433 -4.21 -17.75 -1.04
N GLY B 434 -4.31 -17.48 0.25
CA GLY B 434 -5.39 -16.68 0.83
C GLY B 434 -6.14 -17.43 1.88
N TYR B 435 -6.07 -18.76 1.78
CA TYR B 435 -6.82 -19.75 2.55
C TYR B 435 -6.01 -20.49 3.64
N MET B 436 -6.71 -21.32 4.42
CA MET B 436 -6.07 -22.15 5.43
C MET B 436 -5.20 -23.15 4.74
N GLU B 437 -5.55 -23.47 3.50
CA GLU B 437 -4.81 -24.39 2.63
C GLU B 437 -3.43 -23.87 2.21
N GLY B 438 -3.36 -22.63 1.73
CA GLY B 438 -2.09 -21.99 1.33
C GLY B 438 -1.09 -21.74 2.45
N ALA B 439 -1.61 -21.41 3.63
CA ALA B 439 -0.92 -21.40 4.88
C ALA B 439 -0.11 -22.67 5.12
N VAL B 440 -0.77 -23.83 4.96
CA VAL B 440 -0.10 -25.14 5.09
C VAL B 440 0.95 -25.36 4.00
N GLU B 441 0.57 -25.13 2.74
CA GLU B 441 1.49 -25.33 1.63
C GLU B 441 2.77 -24.54 1.86
N ALA B 442 2.63 -23.23 2.18
CA ALA B 442 3.78 -22.30 2.31
C ALA B 442 4.60 -22.58 3.59
N GLY B 443 3.94 -22.98 4.69
CA GLY B 443 4.62 -23.34 5.92
C GLY B 443 5.51 -24.56 5.69
N GLU B 444 4.90 -25.60 5.11
CA GLU B 444 5.64 -26.84 4.87
C GLU B 444 6.75 -26.56 3.83
N ARG B 445 6.42 -25.82 2.78
CA ARG B 445 7.41 -25.55 1.74
C ARG B 445 8.62 -24.79 2.31
N ALA B 446 8.41 -23.77 3.15
CA ALA B 446 9.53 -22.93 3.65
C ALA B 446 10.35 -23.72 4.67
N ALA B 447 9.66 -24.63 5.36
CA ALA B 447 10.29 -25.65 6.21
C ALA B 447 11.19 -26.59 5.40
N ARG B 448 10.73 -27.01 4.23
CA ARG B 448 11.57 -27.83 3.35
C ARG B 448 12.77 -27.12 2.73
N GLU B 449 12.65 -25.82 2.45
CA GLU B 449 13.78 -25.02 1.91
C GLU B 449 14.96 -24.96 2.88
N ILE B 450 14.65 -24.71 4.15
CA ILE B 450 15.63 -24.78 5.23
C ILE B 450 16.20 -26.19 5.40
N LEU B 451 15.37 -27.24 5.28
CA LEU B 451 15.90 -28.62 5.32
C LEU B 451 16.91 -28.87 4.20
N HIS B 452 16.57 -28.42 2.99
CA HIS B 452 17.49 -28.43 1.85
C HIS B 452 18.79 -27.65 2.07
N ALA B 453 18.66 -26.49 2.72
CA ALA B 453 19.80 -25.64 3.02
C ALA B 453 20.83 -26.36 3.90
N MET B 454 20.35 -27.29 4.69
CA MET B 454 21.17 -28.09 5.61
C MET B 454 21.64 -29.43 5.02
N GLY B 455 21.19 -29.75 3.81
CA GLY B 455 21.59 -30.98 3.10
C GLY B 455 20.80 -32.23 3.47
N LYS B 456 19.69 -32.05 4.19
CA LYS B 456 18.89 -33.15 4.66
C LYS B 456 18.00 -33.74 3.57
N ILE B 457 17.67 -32.92 2.57
CA ILE B 457 16.82 -33.36 1.45
C ILE B 457 17.34 -32.73 0.15
N PRO B 458 17.07 -33.36 -1.02
CA PRO B 458 17.50 -32.73 -2.26
C PRO B 458 16.61 -31.54 -2.67
N GLU B 459 17.08 -30.75 -3.63
CA GLU B 459 16.31 -29.66 -4.25
C GLU B 459 14.93 -30.15 -4.74
N ASP B 460 14.94 -31.29 -5.40
CA ASP B 460 13.77 -32.06 -5.84
C ASP B 460 12.57 -31.99 -4.88
N GLU B 461 12.85 -31.95 -3.58
CA GLU B 461 11.81 -32.24 -2.58
C GLU B 461 11.29 -31.03 -1.82
N ILE B 462 11.71 -29.83 -2.23
CA ILE B 462 11.23 -28.59 -1.59
C ILE B 462 9.75 -28.35 -1.87
N TRP B 463 9.34 -28.52 -3.13
CA TRP B 463 7.97 -28.37 -3.56
C TRP B 463 7.36 -29.76 -3.67
N GLN B 464 6.30 -30.01 -2.91
CA GLN B 464 5.77 -31.35 -2.81
C GLN B 464 4.27 -31.48 -3.09
N SER B 465 3.90 -32.39 -3.96
CA SER B 465 2.51 -32.56 -4.37
C SER B 465 1.74 -33.32 -3.28
N GLU B 466 0.42 -33.13 -3.23
CA GLU B 466 -0.42 -33.73 -2.16
C GLU B 466 -1.43 -34.76 -2.70
N PRO B 467 -1.49 -35.97 -2.10
CA PRO B 467 -2.54 -36.89 -2.55
C PRO B 467 -3.96 -36.40 -2.16
N GLU B 468 -4.95 -36.75 -2.99
CA GLU B 468 -6.32 -36.28 -2.83
C GLU B 468 -6.99 -36.88 -1.61
N SER B 469 -7.66 -36.03 -0.84
CA SER B 469 -8.41 -36.48 0.31
C SER B 469 -9.38 -37.55 -0.14
N VAL B 470 -9.37 -38.69 0.55
CA VAL B 470 -10.35 -39.71 0.23
C VAL B 470 -11.70 -39.35 0.86
N ASP B 471 -11.67 -38.43 1.84
CA ASP B 471 -12.87 -38.00 2.54
C ASP B 471 -13.62 -36.88 1.83
N VAL B 472 -12.89 -36.11 1.04
CA VAL B 472 -13.41 -34.90 0.38
C VAL B 472 -12.89 -34.85 -1.07
N PRO B 473 -13.27 -35.85 -1.90
CA PRO B 473 -12.78 -35.84 -3.29
C PRO B 473 -13.42 -34.76 -4.17
N ALA B 474 -12.67 -34.31 -5.18
CA ALA B 474 -13.09 -33.25 -6.07
C ALA B 474 -13.82 -33.81 -7.28
N GLN B 475 -14.94 -33.22 -7.65
CA GLN B 475 -15.55 -33.50 -8.94
C GLN B 475 -14.98 -32.48 -9.93
N PRO B 476 -14.81 -32.89 -11.20
CA PRO B 476 -14.24 -32.01 -12.21
C PRO B 476 -15.12 -30.80 -12.55
N ILE B 477 -14.50 -29.66 -12.89
CA ILE B 477 -15.25 -28.47 -13.32
C ILE B 477 -15.55 -28.58 -14.82
N THR B 478 -16.84 -28.68 -15.14
CA THR B 478 -17.33 -28.85 -16.53
C THR B 478 -18.04 -27.62 -17.10
N THR B 479 -17.85 -27.37 -18.40
CA THR B 479 -18.63 -26.41 -19.19
C THR B 479 -19.50 -27.10 -20.26
N THR B 480 -20.63 -26.49 -20.63
CA THR B 480 -21.41 -26.97 -21.79
C THR B 480 -20.89 -26.35 -23.08
N PHE B 481 -21.31 -26.89 -24.23
CA PHE B 481 -20.86 -26.40 -25.53
C PHE B 481 -21.30 -24.95 -25.78
N LEU B 482 -22.53 -24.63 -25.40
CA LEU B 482 -23.10 -23.29 -25.55
C LEU B 482 -22.35 -22.23 -24.74
N GLU B 483 -22.16 -22.46 -23.44
CA GLU B 483 -21.27 -21.63 -22.61
C GLU B 483 -19.96 -21.28 -23.28
N ARG B 484 -19.31 -22.27 -23.88
CA ARG B 484 -18.01 -22.11 -24.52
C ARG B 484 -18.10 -21.29 -25.82
N HIS B 485 -19.23 -21.39 -26.54
CA HIS B 485 -19.33 -20.86 -27.92
C HIS B 485 -20.35 -19.74 -28.20
N LEU B 486 -21.27 -19.53 -27.26
CA LEU B 486 -22.17 -18.38 -27.32
C LEU B 486 -21.32 -17.13 -27.39
N PRO B 487 -21.74 -16.15 -28.21
CA PRO B 487 -20.93 -14.97 -28.31
C PRO B 487 -21.09 -14.07 -27.08
N SER B 488 -20.33 -13.01 -27.07
CA SER B 488 -20.48 -11.91 -26.14
C SER B 488 -21.36 -10.86 -26.80
N VAL B 489 -21.78 -9.88 -25.99
CA VAL B 489 -22.50 -8.71 -26.50
C VAL B 489 -21.86 -8.03 -27.73
N PRO B 490 -20.61 -7.51 -27.63
CA PRO B 490 -19.95 -6.97 -28.83
C PRO B 490 -19.75 -7.97 -29.99
N GLY B 491 -19.56 -9.25 -29.68
CA GLY B 491 -19.37 -10.29 -30.70
C GLY B 491 -20.67 -10.54 -31.45
N LEU B 492 -21.79 -10.44 -30.74
CA LEU B 492 -23.11 -10.52 -31.35
C LEU B 492 -23.41 -9.27 -32.16
N LEU B 493 -23.04 -8.11 -31.64
CA LEU B 493 -23.14 -6.86 -32.38
C LEU B 493 -22.35 -6.88 -33.69
N ARG B 494 -21.10 -7.37 -33.64
CA ARG B 494 -20.26 -7.53 -34.85
C ARG B 494 -20.85 -8.56 -35.79
N LEU B 495 -21.58 -9.53 -35.24
CA LEU B 495 -22.26 -10.55 -36.04
C LEU B 495 -23.56 -10.00 -36.66
N ILE B 496 -24.22 -9.08 -35.96
CA ILE B 496 -25.31 -8.30 -36.55
C ILE B 496 -24.72 -7.27 -37.51
PA FAD C . 12.00 12.46 7.29
O1A FAD C . 11.95 11.11 6.77
O2A FAD C . 13.10 13.31 6.63
O5B FAD C . 12.32 12.34 8.86
C5B FAD C . 11.93 11.21 9.58
C4B FAD C . 13.01 10.85 10.61
O4B FAD C . 12.49 9.84 11.45
C3B FAD C . 14.21 10.28 9.92
O3B FAD C . 15.40 11.02 10.29
C2B FAD C . 14.18 8.79 10.24
O2B FAD C . 15.47 8.29 10.45
C1B FAD C . 13.37 8.73 11.53
N9A FAD C . 12.64 7.47 11.88
C8A FAD C . 11.95 6.56 11.13
N7A FAD C . 11.46 5.59 11.97
C5A FAD C . 11.85 5.85 13.25
C6A FAD C . 11.64 5.19 14.49
N6A FAD C . 10.80 4.13 14.65
N1A FAD C . 12.18 5.75 15.63
C2A FAD C . 12.92 6.93 15.54
N3A FAD C . 13.13 7.55 14.33
C4A FAD C . 12.59 7.03 13.19
N1 FAD C . 11.85 18.05 -0.75
C2 FAD C . 12.07 19.37 -1.02
O2 FAD C . 11.56 20.20 -0.29
N3 FAD C . 12.88 19.75 -2.08
C4 FAD C . 13.48 18.85 -2.90
O4 FAD C . 14.21 19.25 -3.87
C4X FAD C . 13.24 17.50 -2.65
N5 FAD C . 13.78 16.50 -3.47
C5X FAD C . 13.92 15.24 -2.92
C6 FAD C . 14.77 14.31 -3.54
C7 FAD C . 15.03 13.08 -2.96
C7M FAD C . 15.96 12.12 -3.68
C8 FAD C . 14.42 12.78 -1.74
C8M FAD C . 14.65 11.44 -1.08
C9 FAD C . 13.57 13.71 -1.11
C9A FAD C . 13.31 14.96 -1.71
N10 FAD C . 12.29 15.78 -1.28
C10 FAD C . 12.44 17.10 -1.57
C1' FAD C . 11.57 15.37 0.03
C2' FAD C . 11.95 16.06 1.36
O2' FAD C . 13.32 15.88 1.62
C3' FAD C . 11.14 15.46 2.53
O3' FAD C . 9.85 15.98 2.40
C4' FAD C . 11.48 15.91 3.94
O4' FAD C . 12.86 15.80 4.21
C5' FAD C . 10.67 15.15 4.98
O5' FAD C . 11.08 15.41 6.30
P FAD C . 10.24 14.76 7.49
O1P FAD C . 10.68 15.24 8.81
O2P FAD C . 8.72 14.83 7.36
O3P FAD C . 10.55 13.17 7.30
C12 DPK D . 13.22 16.69 -4.60
C11 DPK D . 12.21 17.15 -5.33
C10 DPK D . 12.12 17.11 -6.84
N9 DPK D . 10.93 17.61 -7.56
C9N DPK D . 9.84 18.16 -6.79
C8 DPK D . 10.79 17.58 -9.04
C8C DPK D . 12.05 17.15 -9.76
C7 DPK D . 10.39 18.95 -9.58
C1 DPK D . 9.59 18.89 -10.86
C6 DPK D . 10.14 19.37 -12.04
C5 DPK D . 9.41 19.34 -13.23
C4 DPK D . 8.12 18.83 -13.23
C3 DPK D . 7.56 18.37 -12.05
C2 DPK D . 8.29 18.41 -10.85
PA FAD E . -1.81 -15.68 10.26
O1A FAD E . -2.04 -14.16 10.20
O2A FAD E . -3.06 -16.43 10.71
O5B FAD E . -0.74 -15.95 11.42
C5B FAD E . 0.42 -15.21 11.58
C4B FAD E . 0.72 -15.22 13.07
O4B FAD E . 1.75 -14.29 13.21
C3B FAD E . -0.42 -14.68 13.94
O3B FAD E . -0.75 -15.59 14.98
C2B FAD E . 0.05 -13.33 14.42
O2B FAD E . -0.43 -13.07 15.72
C1B FAD E . 1.56 -13.50 14.38
N9A FAD E . 2.44 -12.30 14.31
C8A FAD E . 2.32 -11.15 13.57
N7A FAD E . 3.39 -10.36 13.82
C5A FAD E . 4.22 -10.99 14.68
C6A FAD E . 5.46 -10.63 15.26
N6A FAD E . 6.13 -9.53 14.88
N1A FAD E . 6.07 -11.53 16.12
C2A FAD E . 5.47 -12.75 16.43
N3A FAD E . 4.25 -13.06 15.87
C4A FAD E . 3.65 -12.22 14.99
N1 FAD E . -9.49 -19.02 4.90
C2 FAD E . -10.05 -20.22 4.62
O2 FAD E . -9.32 -21.13 4.27
N3 FAD E . -11.39 -20.43 4.75
C4 FAD E . -12.21 -19.37 5.13
O4 FAD E . -13.44 -19.57 5.26
C4X FAD E . -11.63 -18.11 5.37
N5 FAD E . -12.40 -17.01 5.70
C5X FAD E . -11.86 -15.90 6.29
C6 FAD E . -12.68 -15.06 7.05
C7 FAD E . -12.13 -14.19 8.00
C7M FAD E . -13.09 -13.32 8.77
C8 FAD E . -10.72 -14.10 8.16
C8M FAD E . -10.01 -13.16 9.14
C9 FAD E . -9.91 -14.95 7.37
C9A FAD E . -10.48 -15.85 6.41
N10 FAD E . -9.69 -16.70 5.60
C10 FAD E . -10.25 -17.93 5.26
C1' FAD E . -8.20 -16.56 5.80
C2' FAD E . -7.41 -17.72 6.44
O2' FAD E . -7.89 -17.93 7.75
C3' FAD E . -5.91 -17.35 6.40
O3' FAD E . -5.48 -17.45 5.05
C4' FAD E . -4.94 -18.17 7.24
O4' FAD E . -5.40 -18.28 8.59
C5' FAD E . -3.54 -17.52 7.23
O5' FAD E . -2.66 -18.06 8.24
P FAD E . -1.11 -17.63 8.28
O1P FAD E . -0.39 -18.59 9.14
O2P FAD E . -0.50 -17.54 6.85
O3P FAD E . -1.09 -16.15 8.89
C12 DPK F . -13.11 -16.74 4.66
C11 DPK F . -13.31 -16.86 3.34
C10 DPK F . -14.57 -16.45 2.59
N9 DPK F . -14.68 -16.62 1.14
C9N DPK F . -13.58 -17.20 0.40
C8 DPK F . -15.87 -16.21 0.35
C8C DPK F . -17.04 -15.76 1.21
C7 DPK F . -16.30 -17.31 -0.62
C1 DPK F . -16.95 -16.79 -1.88
C6 DPK F . -18.32 -17.02 -2.09
C5 DPK F . -18.94 -16.56 -3.25
C4 DPK F . -18.19 -15.86 -4.19
C3 DPK F . -16.83 -15.65 -3.98
C2 DPK F . -16.20 -16.11 -2.84
#